data_6QJR
# 
_entry.id   6QJR 
# 
_audit_conform.dict_name       mmcif_pdbx.dic 
_audit_conform.dict_version    5.383 
_audit_conform.dict_location   http://mmcif.pdb.org/dictionaries/ascii/mmcif_pdbx.dic 
# 
loop_
_database_2.database_id 
_database_2.database_code 
_database_2.pdbx_database_accession 
_database_2.pdbx_DOI 
PDB   6QJR         pdb_00006qjr 10.2210/pdb6qjr/pdb 
WWPDB D_1292100293 ?            ?                   
# 
loop_
_pdbx_audit_revision_history.ordinal 
_pdbx_audit_revision_history.data_content_type 
_pdbx_audit_revision_history.major_revision 
_pdbx_audit_revision_history.minor_revision 
_pdbx_audit_revision_history.revision_date 
1 'Structure model' 1 0 2020-02-12 
2 'Structure model' 1 1 2021-02-24 
3 'Structure model' 1 2 2024-01-24 
# 
_pdbx_audit_revision_details.ordinal             1 
_pdbx_audit_revision_details.revision_ordinal    1 
_pdbx_audit_revision_details.data_content_type   'Structure model' 
_pdbx_audit_revision_details.provider            repository 
_pdbx_audit_revision_details.type                'Initial release' 
_pdbx_audit_revision_details.description         ? 
_pdbx_audit_revision_details.details             ? 
# 
loop_
_pdbx_audit_revision_group.ordinal 
_pdbx_audit_revision_group.revision_ordinal 
_pdbx_audit_revision_group.data_content_type 
_pdbx_audit_revision_group.group 
1 2 'Structure model' 'Database references'    
2 3 'Structure model' 'Data collection'        
3 3 'Structure model' 'Database references'    
4 3 'Structure model' 'Refinement description' 
# 
loop_
_pdbx_audit_revision_category.ordinal 
_pdbx_audit_revision_category.revision_ordinal 
_pdbx_audit_revision_category.data_content_type 
_pdbx_audit_revision_category.category 
1 2 'Structure model' citation                      
2 2 'Structure model' citation_author               
3 3 'Structure model' chem_comp_atom                
4 3 'Structure model' chem_comp_bond                
5 3 'Structure model' database_2                    
6 3 'Structure model' pdbx_initial_refinement_model 
# 
loop_
_pdbx_audit_revision_item.ordinal 
_pdbx_audit_revision_item.revision_ordinal 
_pdbx_audit_revision_item.data_content_type 
_pdbx_audit_revision_item.item 
1  2 'Structure model' '_citation.country'                   
2  2 'Structure model' '_citation.journal_abbrev'            
3  2 'Structure model' '_citation.journal_id_ASTM'           
4  2 'Structure model' '_citation.journal_id_CSD'            
5  2 'Structure model' '_citation.journal_id_ISSN'           
6  2 'Structure model' '_citation.journal_volume'            
7  2 'Structure model' '_citation.page_first'                
8  2 'Structure model' '_citation.page_last'                 
9  2 'Structure model' '_citation.pdbx_database_id_DOI'      
10 2 'Structure model' '_citation.pdbx_database_id_PubMed'   
11 2 'Structure model' '_citation.title'                     
12 2 'Structure model' '_citation.year'                      
13 3 'Structure model' '_database_2.pdbx_DOI'                
14 3 'Structure model' '_database_2.pdbx_database_accession' 
# 
_pdbx_database_status.status_code                     REL 
_pdbx_database_status.status_code_sf                  REL 
_pdbx_database_status.status_code_mr                  ? 
_pdbx_database_status.entry_id                        6QJR 
_pdbx_database_status.recvd_initial_deposition_date   2019-01-24 
_pdbx_database_status.SG_entry                        N 
_pdbx_database_status.deposit_site                    PDBE 
_pdbx_database_status.process_site                    PDBE 
_pdbx_database_status.status_code_cs                  ? 
_pdbx_database_status.methods_development_category    ? 
_pdbx_database_status.pdb_format_compatible           Y 
_pdbx_database_status.status_code_nmr_data            ? 
# 
loop_
_audit_author.name 
_audit_author.pdbx_ordinal 
_audit_author.identifier_ORCID 
'Hardwick, J.S.' 1 0000-0002-3117-1035 
'Haugland, M.M.' 2 0000-0001-7017-344X 
'Ptchelkine, D.' 3 0000-0001-8821-3200 
'Brown, T.'      4 0000-0002-6538-3036 
'Anderson, E.E.' 5 0000-0002-4149-0494 
# 
_citation.abstract                  ? 
_citation.abstract_id_CAS           ? 
_citation.book_id_ISBN              ? 
_citation.book_publisher            ? 
_citation.book_publisher_city       ? 
_citation.book_title                ? 
_citation.coordinate_linkage        ? 
_citation.country                   UK 
_citation.database_id_Medline       ? 
_citation.details                   ? 
_citation.id                        primary 
_citation.journal_abbrev            'Nucleic Acids Res.' 
_citation.journal_id_ASTM           NARHAD 
_citation.journal_id_CSD            0389 
_citation.journal_id_ISSN           1362-4962 
_citation.journal_full              ? 
_citation.journal_issue             ? 
_citation.journal_volume            48 
_citation.language                  ? 
_citation.page_first                2830 
_citation.page_last                 2840 
_citation.title                     
;2'-Alkynyl spin-labelling is a minimally perturbing tool for DNA structural analysis.
;
_citation.year                      2020 
_citation.database_id_CSD           ? 
_citation.pdbx_database_id_DOI      10.1093/nar/gkaa086 
_citation.pdbx_database_id_PubMed   32052020 
_citation.unpublished_flag          ? 
# 
loop_
_citation_author.citation_id 
_citation_author.name 
_citation_author.ordinal 
_citation_author.identifier_ORCID 
primary 'Hardwick, J.S.'   1 ? 
primary 'Haugland, M.M.'   2 ? 
primary 'El-Sagheer, A.H.' 3 ? 
primary 'Ptchelkine, D.'   4 ? 
primary 'Beierlein, F.R.'  5 ? 
primary 'Lane, A.N.'       6 ? 
primary 'Brown, T.'        7 ? 
primary 'Lovett, J.E.'     8 ? 
primary 'Anderson, E.A.'   9 ? 
# 
loop_
_entity.id 
_entity.type 
_entity.src_method 
_entity.pdbx_description 
_entity.formula_weight 
_entity.pdbx_number_of_molecules 
_entity.pdbx_ec 
_entity.pdbx_mutation 
_entity.pdbx_fragment 
_entity.details 
1 polymer syn 
;DNA (5'-D(*CP*GP*CP*AP*AP*AP*AP*AP*AP*GP*CP*G)-3')
;
3689.446 1 ? ? ? ? 
2 polymer syn 
;DNA (5'-D(*CP*GP*CP*TP*TP*TP*TP*TP*(5NO)P*GP*CP*G)-3')
;
3841.607 1 ? ? ? ? 
# 
loop_
_entity_poly.entity_id 
_entity_poly.type 
_entity_poly.nstd_linkage 
_entity_poly.nstd_monomer 
_entity_poly.pdbx_seq_one_letter_code 
_entity_poly.pdbx_seq_one_letter_code_can 
_entity_poly.pdbx_strand_id 
_entity_poly.pdbx_target_identifier 
1 polydeoxyribonucleotide no no  '(DC)(DG)(DC)(DA)(DA)(DA)(DA)(DA)(DA)(DG)(DC)(DG)'  CGCAAAAAAGCG A ? 
2 polydeoxyribonucleotide no yes '(DC)(DG)(DC)(DT)(DT)(DT)(DT)(DT)(J4T)(DG)(DC)(DG)' CGCTTTTTXGCG B ? 
# 
loop_
_entity_poly_seq.entity_id 
_entity_poly_seq.num 
_entity_poly_seq.mon_id 
_entity_poly_seq.hetero 
1 1  DC  n 
1 2  DG  n 
1 3  DC  n 
1 4  DA  n 
1 5  DA  n 
1 6  DA  n 
1 7  DA  n 
1 8  DA  n 
1 9  DA  n 
1 10 DG  n 
1 11 DC  n 
1 12 DG  n 
2 1  DC  n 
2 2  DG  n 
2 3  DC  n 
2 4  DT  n 
2 5  DT  n 
2 6  DT  n 
2 7  DT  n 
2 8  DT  n 
2 9  J4T n 
2 10 DG  n 
2 11 DC  n 
2 12 DG  n 
# 
loop_
_pdbx_entity_src_syn.entity_id 
_pdbx_entity_src_syn.pdbx_src_id 
_pdbx_entity_src_syn.pdbx_alt_source_flag 
_pdbx_entity_src_syn.pdbx_beg_seq_num 
_pdbx_entity_src_syn.pdbx_end_seq_num 
_pdbx_entity_src_syn.organism_scientific 
_pdbx_entity_src_syn.organism_common_name 
_pdbx_entity_src_syn.ncbi_taxonomy_id 
_pdbx_entity_src_syn.details 
1 1 sample 1 12 'synthetic construct' ? 32630 ? 
2 1 sample 1 12 'synthetic construct' ? 32630 ? 
# 
loop_
_chem_comp.id 
_chem_comp.type 
_chem_comp.mon_nstd_flag 
_chem_comp.name 
_chem_comp.pdbx_synonyms 
_chem_comp.formula 
_chem_comp.formula_weight 
DA  'DNA linking' y "2'-DEOXYADENOSINE-5'-MONOPHOSPHATE" ? 'C10 H14 N5 O6 P' 331.222 
DC  'DNA linking' y "2'-DEOXYCYTIDINE-5'-MONOPHOSPHATE" ? 'C9 H14 N3 O7 P'  307.197 
DG  'DNA linking' y "2'-DEOXYGUANOSINE-5'-MONOPHOSPHATE" ? 'C10 H14 N5 O7 P' 347.221 
DT  'DNA linking' y "THYMIDINE-5'-MONOPHOSPHATE" ? 'C10 H15 N2 O8 P' 322.208 
J4T 'DNA linking' . 
;[(2~{R},3~{S},4~{R},5~{R})-5-[2,4-bis(oxidanylidene)pyrimidin-1-yl]-3-oxidanyl-4-[1-[(2,2,5,5-tetramethyl-1-oxidanyl-pyrrol-3-yl)methyl]-1,2,3-triazol-4-yl]oxolan-2-yl]methyl dihydrogen phosphate
;
? 'C20 H29 N6 O9 P' 528.453 
# 
loop_
_pdbx_poly_seq_scheme.asym_id 
_pdbx_poly_seq_scheme.entity_id 
_pdbx_poly_seq_scheme.seq_id 
_pdbx_poly_seq_scheme.mon_id 
_pdbx_poly_seq_scheme.ndb_seq_num 
_pdbx_poly_seq_scheme.pdb_seq_num 
_pdbx_poly_seq_scheme.auth_seq_num 
_pdbx_poly_seq_scheme.pdb_mon_id 
_pdbx_poly_seq_scheme.auth_mon_id 
_pdbx_poly_seq_scheme.pdb_strand_id 
_pdbx_poly_seq_scheme.pdb_ins_code 
_pdbx_poly_seq_scheme.hetero 
A 1 1  DC  1  1  1  DC  DC  A . n 
A 1 2  DG  2  2  2  DG  DG  A . n 
A 1 3  DC  3  3  3  DC  DC  A . n 
A 1 4  DA  4  4  4  DA  DA  A . n 
A 1 5  DA  5  5  5  DA  DA  A . n 
A 1 6  DA  6  6  6  DA  DA  A . n 
A 1 7  DA  7  7  7  DA  DA  A . n 
A 1 8  DA  8  8  8  DA  DA  A . n 
A 1 9  DA  9  9  9  DA  DA  A . n 
A 1 10 DG  10 10 10 DG  DG  A . n 
A 1 11 DC  11 11 11 DC  DC  A . n 
A 1 12 DG  12 12 12 DG  DG  A . n 
B 2 1  DC  1  13 13 DC  DC  B . n 
B 2 2  DG  2  14 14 DG  DG  B . n 
B 2 3  DC  3  15 15 DC  DC  B . n 
B 2 4  DT  4  16 16 DT  DT  B . n 
B 2 5  DT  5  17 17 DT  DT  B . n 
B 2 6  DT  6  18 18 DT  DT  B . n 
B 2 7  DT  7  19 19 DT  DT  B . n 
B 2 8  DT  8  20 20 DT  DT  B . n 
B 2 9  J4T 9  21 21 J4T 5NO B . n 
B 2 10 DG  10 22 22 DG  DG  B . n 
B 2 11 DC  11 23 23 DC  DC  B . n 
B 2 12 DG  12 24 24 DG  DG  B . n 
# 
loop_
_pdbx_unobs_or_zero_occ_atoms.id 
_pdbx_unobs_or_zero_occ_atoms.PDB_model_num 
_pdbx_unobs_or_zero_occ_atoms.polymer_flag 
_pdbx_unobs_or_zero_occ_atoms.occupancy_flag 
_pdbx_unobs_or_zero_occ_atoms.auth_asym_id 
_pdbx_unobs_or_zero_occ_atoms.auth_comp_id 
_pdbx_unobs_or_zero_occ_atoms.auth_seq_id 
_pdbx_unobs_or_zero_occ_atoms.PDB_ins_code 
_pdbx_unobs_or_zero_occ_atoms.auth_atom_id 
_pdbx_unobs_or_zero_occ_atoms.label_alt_id 
_pdbx_unobs_or_zero_occ_atoms.label_asym_id 
_pdbx_unobs_or_zero_occ_atoms.label_comp_id 
_pdbx_unobs_or_zero_occ_atoms.label_seq_id 
_pdbx_unobs_or_zero_occ_atoms.label_atom_id 
1  1 Y 1 B J4T 21 ? C1  ? B J4T 9 C1  
2  1 Y 1 B J4T 21 ? C12 ? B J4T 9 C12 
3  1 Y 1 B J4T 21 ? C8  ? B J4T 9 C8  
4  1 Y 1 B J4T 21 ? N2  ? B J4T 9 N2  
5  1 Y 1 B J4T 21 ? C10 ? B J4T 9 C10 
6  1 Y 1 B J4T 21 ? C11 ? B J4T 9 C11 
7  1 Y 1 B J4T 21 ? C9  ? B J4T 9 C9  
8  1 Y 1 B J4T 21 ? C13 ? B J4T 9 C13 
9  1 Y 1 B J4T 21 ? C14 ? B J4T 9 C14 
10 1 Y 1 B J4T 21 ? C15 ? B J4T 9 C15 
11 1 Y 1 B J4T 21 ? O3  ? B J4T 9 O3  
# 
loop_
_software.citation_id 
_software.classification 
_software.compiler_name 
_software.compiler_version 
_software.contact_author 
_software.contact_author_email 
_software.date 
_software.description 
_software.dependencies 
_software.hardware 
_software.language 
_software.location 
_software.mods 
_software.name 
_software.os 
_software.os_version 
_software.type 
_software.version 
_software.pdbx_ordinal 
? refinement       ? ? ? ? ? ? ? ? ? ? ? REFMAC  ? ? ? 5.8.0238 1 
? 'data reduction' ? ? ? ? ? ? ? ? ? ? ? XDS     ? ? ? .        2 
? 'data scaling'   ? ? ? ? ? ? ? ? ? ? ? Aimless ? ? ? .        3 
? phasing          ? ? ? ? ? ? ? ? ? ? ? PHASER  ? ? ? .        4 
# 
_cell.angle_alpha                  90.00 
_cell.angle_alpha_esd              ? 
_cell.angle_beta                   90.00 
_cell.angle_beta_esd               ? 
_cell.angle_gamma                  90.00 
_cell.angle_gamma_esd              ? 
_cell.entry_id                     6QJR 
_cell.details                      ? 
_cell.formula_units_Z              ? 
_cell.length_a                     25.262 
_cell.length_a_esd                 ? 
_cell.length_b                     41.209 
_cell.length_b_esd                 ? 
_cell.length_c                     66.957 
_cell.length_c_esd                 ? 
_cell.volume                       ? 
_cell.volume_esd                   ? 
_cell.Z_PDB                        4 
_cell.reciprocal_angle_alpha       ? 
_cell.reciprocal_angle_beta        ? 
_cell.reciprocal_angle_gamma       ? 
_cell.reciprocal_angle_alpha_esd   ? 
_cell.reciprocal_angle_beta_esd    ? 
_cell.reciprocal_angle_gamma_esd   ? 
_cell.reciprocal_length_a          ? 
_cell.reciprocal_length_b          ? 
_cell.reciprocal_length_c          ? 
_cell.reciprocal_length_a_esd      ? 
_cell.reciprocal_length_b_esd      ? 
_cell.reciprocal_length_c_esd      ? 
_cell.pdbx_unique_axis             ? 
# 
_symmetry.entry_id                         6QJR 
_symmetry.cell_setting                     ? 
_symmetry.Int_Tables_number                19 
_symmetry.space_group_name_Hall            ? 
_symmetry.space_group_name_H-M             'P 21 21 21' 
_symmetry.pdbx_full_space_group_name_H-M   ? 
# 
_exptl.absorpt_coefficient_mu     ? 
_exptl.absorpt_correction_T_max   ? 
_exptl.absorpt_correction_T_min   ? 
_exptl.absorpt_correction_type    ? 
_exptl.absorpt_process_details    ? 
_exptl.entry_id                   6QJR 
_exptl.crystals_number            1 
_exptl.details                    ? 
_exptl.method                     'X-RAY DIFFRACTION' 
_exptl.method_details             ? 
# 
_exptl_crystal.colour                      ? 
_exptl_crystal.density_diffrn              ? 
_exptl_crystal.density_Matthews            2.59 
_exptl_crystal.density_method              ? 
_exptl_crystal.density_percent_sol         52.53 
_exptl_crystal.description                 ? 
_exptl_crystal.F_000                       ? 
_exptl_crystal.id                          1 
_exptl_crystal.preparation                 ? 
_exptl_crystal.size_max                    ? 
_exptl_crystal.size_mid                    ? 
_exptl_crystal.size_min                    ? 
_exptl_crystal.size_rad                    ? 
_exptl_crystal.colour_lustre               ? 
_exptl_crystal.colour_modifier             ? 
_exptl_crystal.colour_primary              ? 
_exptl_crystal.density_meas                ? 
_exptl_crystal.density_meas_esd            ? 
_exptl_crystal.density_meas_gt             ? 
_exptl_crystal.density_meas_lt             ? 
_exptl_crystal.density_meas_temp           ? 
_exptl_crystal.density_meas_temp_esd       ? 
_exptl_crystal.density_meas_temp_gt        ? 
_exptl_crystal.density_meas_temp_lt        ? 
_exptl_crystal.pdbx_crystal_image_url      ? 
_exptl_crystal.pdbx_crystal_image_format   ? 
_exptl_crystal.pdbx_mosaicity              ? 
_exptl_crystal.pdbx_mosaicity_esd          ? 
# 
_exptl_crystal_grow.apparatus       ? 
_exptl_crystal_grow.atmosphere      ? 
_exptl_crystal_grow.crystal_id      1 
_exptl_crystal_grow.details         ? 
_exptl_crystal_grow.method          'VAPOR DIFFUSION, SITTING DROP' 
_exptl_crystal_grow.method_ref      ? 
_exptl_crystal_grow.pH              6.0 
_exptl_crystal_grow.pressure        ? 
_exptl_crystal_grow.pressure_esd    ? 
_exptl_crystal_grow.seeding         ? 
_exptl_crystal_grow.seeding_ref     ? 
_exptl_crystal_grow.temp            295 
_exptl_crystal_grow.temp_details    ? 
_exptl_crystal_grow.temp_esd        ? 
_exptl_crystal_grow.time            ? 
_exptl_crystal_grow.pdbx_details    
;Potassium chloride (90 mM), 
magnesium chloride (20 mM),
sodium cacodylate (40 mM, pH 6.0), 
MPD (45% v/v),
spermine tetrahydrochloride (12 mM)
;
_exptl_crystal_grow.pdbx_pH_range   ? 
# 
_diffrn.ambient_environment              ? 
_diffrn.ambient_temp                     100 
_diffrn.ambient_temp_details             ? 
_diffrn.ambient_temp_esd                 ? 
_diffrn.crystal_id                       1 
_diffrn.crystal_support                  ? 
_diffrn.crystal_treatment                ? 
_diffrn.details                          ? 
_diffrn.id                               1 
_diffrn.ambient_pressure                 ? 
_diffrn.ambient_pressure_esd             ? 
_diffrn.ambient_pressure_gt              ? 
_diffrn.ambient_pressure_lt              ? 
_diffrn.ambient_temp_gt                  ? 
_diffrn.ambient_temp_lt                  ? 
_diffrn.pdbx_serial_crystal_experiment   N 
# 
_diffrn_detector.details                      ? 
_diffrn_detector.detector                     PIXEL 
_diffrn_detector.diffrn_id                    1 
_diffrn_detector.type                         'DECTRIS PILATUS 6M-F' 
_diffrn_detector.area_resol_mean              ? 
_diffrn_detector.dtime                        ? 
_diffrn_detector.pdbx_frames_total            ? 
_diffrn_detector.pdbx_collection_time_total   ? 
_diffrn_detector.pdbx_collection_date         2017-09-16 
_diffrn_detector.pdbx_frequency               ? 
# 
_diffrn_radiation.collimation                      ? 
_diffrn_radiation.diffrn_id                        1 
_diffrn_radiation.filter_edge                      ? 
_diffrn_radiation.inhomogeneity                    ? 
_diffrn_radiation.monochromator                    ? 
_diffrn_radiation.polarisn_norm                    ? 
_diffrn_radiation.polarisn_ratio                   ? 
_diffrn_radiation.probe                            ? 
_diffrn_radiation.type                             ? 
_diffrn_radiation.xray_symbol                      ? 
_diffrn_radiation.wavelength_id                    1 
_diffrn_radiation.pdbx_monochromatic_or_laue_m_l   M 
_diffrn_radiation.pdbx_wavelength_list             ? 
_diffrn_radiation.pdbx_wavelength                  ? 
_diffrn_radiation.pdbx_diffrn_protocol             'SINGLE WAVELENGTH' 
_diffrn_radiation.pdbx_analyzer                    ? 
_diffrn_radiation.pdbx_scattering_type             x-ray 
# 
_diffrn_radiation_wavelength.id           1 
_diffrn_radiation_wavelength.wavelength   0.915870 
_diffrn_radiation_wavelength.wt           1.0 
# 
_diffrn_source.current                     ? 
_diffrn_source.details                     ? 
_diffrn_source.diffrn_id                   1 
_diffrn_source.power                       ? 
_diffrn_source.size                        ? 
_diffrn_source.source                      SYNCHROTRON 
_diffrn_source.target                      ? 
_diffrn_source.type                        'DIAMOND BEAMLINE I04' 
_diffrn_source.voltage                     ? 
_diffrn_source.take-off_angle              ? 
_diffrn_source.pdbx_wavelength_list        0.915870 
_diffrn_source.pdbx_wavelength             ? 
_diffrn_source.pdbx_synchrotron_beamline   I04 
_diffrn_source.pdbx_synchrotron_site       Diamond 
# 
_reflns.B_iso_Wilson_estimate            ? 
_reflns.entry_id                         6QJR 
_reflns.data_reduction_details           ? 
_reflns.data_reduction_method            ? 
_reflns.d_resolution_high                2.90 
_reflns.d_resolution_low                 35.09 
_reflns.details                          ? 
_reflns.limit_h_max                      ? 
_reflns.limit_h_min                      ? 
_reflns.limit_k_max                      ? 
_reflns.limit_k_min                      ? 
_reflns.limit_l_max                      ? 
_reflns.limit_l_min                      ? 
_reflns.number_all                       ? 
_reflns.number_obs                       1731 
_reflns.observed_criterion               ? 
_reflns.observed_criterion_F_max         ? 
_reflns.observed_criterion_F_min         ? 
_reflns.observed_criterion_I_max         ? 
_reflns.observed_criterion_I_min         ? 
_reflns.observed_criterion_sigma_F       ? 
_reflns.observed_criterion_sigma_I       ? 
_reflns.percent_possible_obs             99.0 
_reflns.R_free_details                   ? 
_reflns.Rmerge_F_all                     ? 
_reflns.Rmerge_F_obs                     ? 
_reflns.Friedel_coverage                 ? 
_reflns.number_gt                        ? 
_reflns.threshold_expression             ? 
_reflns.pdbx_redundancy                  3.3 
_reflns.pdbx_Rmerge_I_obs                0.045 
_reflns.pdbx_Rmerge_I_all                ? 
_reflns.pdbx_Rsym_value                  ? 
_reflns.pdbx_netI_over_av_sigmaI         ? 
_reflns.pdbx_netI_over_sigmaI            10.3 
_reflns.pdbx_res_netI_over_av_sigmaI_2   ? 
_reflns.pdbx_res_netI_over_sigmaI_2      ? 
_reflns.pdbx_chi_squared                 ? 
_reflns.pdbx_scaling_rejects             ? 
_reflns.pdbx_d_res_high_opt              ? 
_reflns.pdbx_d_res_low_opt               ? 
_reflns.pdbx_d_res_opt_method            ? 
_reflns.phase_calculation_details        ? 
_reflns.pdbx_Rrim_I_all                  ? 
_reflns.pdbx_Rpim_I_all                  ? 
_reflns.pdbx_d_opt                       ? 
_reflns.pdbx_number_measured_all         ? 
_reflns.pdbx_diffrn_id                   1 
_reflns.pdbx_ordinal                     1 
_reflns.pdbx_CC_half                     ? 
_reflns.pdbx_R_split                     ? 
# 
_reflns_shell.d_res_high                  2.90 
_reflns_shell.d_res_low                   3.10 
_reflns_shell.meanI_over_sigI_all         ? 
_reflns_shell.meanI_over_sigI_obs         ? 
_reflns_shell.number_measured_all         ? 
_reflns_shell.number_measured_obs         ? 
_reflns_shell.number_possible             ? 
_reflns_shell.number_unique_all           ? 
_reflns_shell.number_unique_obs           ? 
_reflns_shell.percent_possible_all        ? 
_reflns_shell.percent_possible_obs        ? 
_reflns_shell.Rmerge_F_all                ? 
_reflns_shell.Rmerge_F_obs                ? 
_reflns_shell.Rmerge_I_all                ? 
_reflns_shell.Rmerge_I_obs                0.131 
_reflns_shell.meanI_over_sigI_gt          ? 
_reflns_shell.meanI_over_uI_all           ? 
_reflns_shell.meanI_over_uI_gt            ? 
_reflns_shell.number_measured_gt          ? 
_reflns_shell.number_unique_gt            ? 
_reflns_shell.percent_possible_gt         ? 
_reflns_shell.Rmerge_F_gt                 ? 
_reflns_shell.Rmerge_I_gt                 ? 
_reflns_shell.pdbx_redundancy             ? 
_reflns_shell.pdbx_Rsym_value             ? 
_reflns_shell.pdbx_chi_squared            ? 
_reflns_shell.pdbx_netI_over_sigmaI_all   ? 
_reflns_shell.pdbx_netI_over_sigmaI_obs   ? 
_reflns_shell.pdbx_Rrim_I_all             ? 
_reflns_shell.pdbx_Rpim_I_all             ? 
_reflns_shell.pdbx_rejects                ? 
_reflns_shell.pdbx_ordinal                1 
_reflns_shell.pdbx_diffrn_id              1 
_reflns_shell.pdbx_CC_half                ? 
_reflns_shell.pdbx_R_split                ? 
# 
_refine.aniso_B[1][1]                            3.10 
_refine.aniso_B[1][2]                            0.00 
_refine.aniso_B[1][3]                            0.00 
_refine.aniso_B[2][2]                            9.82 
_refine.aniso_B[2][3]                            -0.00 
_refine.aniso_B[3][3]                            -12.92 
_refine.B_iso_max                                ? 
_refine.B_iso_mean                               79.029 
_refine.B_iso_min                                ? 
_refine.correlation_coeff_Fo_to_Fc               0.981 
_refine.correlation_coeff_Fo_to_Fc_free          0.953 
_refine.details                                  'HYDROGENS HAVE BEEN ADDED IN THE RIDING POSITIONS' 
_refine.diff_density_max                         ? 
_refine.diff_density_max_esd                     ? 
_refine.diff_density_min                         ? 
_refine.diff_density_min_esd                     ? 
_refine.diff_density_rms                         ? 
_refine.diff_density_rms_esd                     ? 
_refine.entry_id                                 6QJR 
_refine.pdbx_refine_id                           'X-RAY DIFFRACTION' 
_refine.ls_abs_structure_details                 ? 
_refine.ls_abs_structure_Flack                   ? 
_refine.ls_abs_structure_Flack_esd               ? 
_refine.ls_abs_structure_Rogers                  ? 
_refine.ls_abs_structure_Rogers_esd              ? 
_refine.ls_d_res_high                            2.90 
_refine.ls_d_res_low                             35.09 
_refine.ls_extinction_coef                       ? 
_refine.ls_extinction_coef_esd                   ? 
_refine.ls_extinction_expression                 ? 
_refine.ls_extinction_method                     ? 
_refine.ls_goodness_of_fit_all                   ? 
_refine.ls_goodness_of_fit_all_esd               ? 
_refine.ls_goodness_of_fit_obs                   ? 
_refine.ls_goodness_of_fit_obs_esd               ? 
_refine.ls_hydrogen_treatment                    ? 
_refine.ls_matrix_type                           ? 
_refine.ls_number_constraints                    ? 
_refine.ls_number_parameters                     ? 
_refine.ls_number_reflns_all                     ? 
_refine.ls_number_reflns_obs                     1621 
_refine.ls_number_reflns_R_free                  96 
_refine.ls_number_reflns_R_work                  ? 
_refine.ls_number_restraints                     ? 
_refine.ls_percent_reflns_obs                    98.40 
_refine.ls_percent_reflns_R_free                 5.6 
_refine.ls_R_factor_all                          ? 
_refine.ls_R_factor_obs                          0.19145 
_refine.ls_R_factor_R_free                       0.24350 
_refine.ls_R_factor_R_free_error                 ? 
_refine.ls_R_factor_R_free_error_details         ? 
_refine.ls_R_factor_R_work                       0.18814 
_refine.ls_R_Fsqd_factor_obs                     ? 
_refine.ls_R_I_factor_obs                        ? 
_refine.ls_redundancy_reflns_all                 ? 
_refine.ls_redundancy_reflns_obs                 ? 
_refine.ls_restrained_S_all                      ? 
_refine.ls_restrained_S_obs                      ? 
_refine.ls_shift_over_esd_max                    ? 
_refine.ls_shift_over_esd_mean                   ? 
_refine.ls_structure_factor_coef                 ? 
_refine.ls_weighting_details                     ? 
_refine.ls_weighting_scheme                      ? 
_refine.ls_wR_factor_all                         ? 
_refine.ls_wR_factor_obs                         ? 
_refine.ls_wR_factor_R_free                      ? 
_refine.ls_wR_factor_R_work                      ? 
_refine.occupancy_max                            ? 
_refine.occupancy_min                            ? 
_refine.solvent_model_details                    ? 
_refine.solvent_model_param_bsol                 ? 
_refine.solvent_model_param_ksol                 ? 
_refine.ls_R_factor_gt                           ? 
_refine.ls_goodness_of_fit_gt                    ? 
_refine.ls_goodness_of_fit_ref                   ? 
_refine.ls_shift_over_su_max                     ? 
_refine.ls_shift_over_su_max_lt                  ? 
_refine.ls_shift_over_su_mean                    ? 
_refine.ls_shift_over_su_mean_lt                 ? 
_refine.pdbx_ls_sigma_I                          ? 
_refine.pdbx_ls_sigma_F                          ? 
_refine.pdbx_ls_sigma_Fsqd                       ? 
_refine.pdbx_data_cutoff_high_absF               ? 
_refine.pdbx_data_cutoff_high_rms_absF           ? 
_refine.pdbx_data_cutoff_low_absF                ? 
_refine.pdbx_isotropic_thermal_model             ? 
_refine.pdbx_ls_cross_valid_method               THROUGHOUT 
_refine.pdbx_method_to_determine_struct          'MOLECULAR REPLACEMENT' 
_refine.pdbx_starting_model                      1d98 
_refine.pdbx_stereochemistry_target_values       ? 
_refine.pdbx_R_Free_selection_details            RANDOM 
_refine.pdbx_stereochem_target_val_spec_case     ? 
_refine.pdbx_overall_ESU_R                       ? 
_refine.pdbx_overall_ESU_R_Free                  0.398 
_refine.pdbx_solvent_vdw_probe_radii             1.20 
_refine.pdbx_solvent_ion_probe_radii             0.80 
_refine.pdbx_solvent_shrinkage_radii             0.80 
_refine.pdbx_real_space_R                        ? 
_refine.pdbx_density_correlation                 ? 
_refine.pdbx_pd_number_of_powder_patterns        ? 
_refine.pdbx_pd_number_of_points                 ? 
_refine.pdbx_pd_meas_number_of_points            ? 
_refine.pdbx_pd_proc_ls_prof_R_factor            ? 
_refine.pdbx_pd_proc_ls_prof_wR_factor           ? 
_refine.pdbx_pd_Marquardt_correlation_coeff      ? 
_refine.pdbx_pd_Fsqrd_R_factor                   ? 
_refine.pdbx_pd_ls_matrix_band_width             ? 
_refine.pdbx_overall_phase_error                 ? 
_refine.pdbx_overall_SU_R_free_Cruickshank_DPI   ? 
_refine.pdbx_overall_SU_R_free_Blow_DPI          ? 
_refine.pdbx_overall_SU_R_Blow_DPI               ? 
_refine.pdbx_TLS_residual_ADP_flag               ? 
_refine.pdbx_diffrn_id                           1 
_refine.overall_SU_B                             28.578 
_refine.overall_SU_ML                            0.478 
_refine.overall_SU_R_Cruickshank_DPI             ? 
_refine.overall_SU_R_free                        ? 
_refine.overall_FOM_free_R_set                   ? 
_refine.overall_FOM_work_R_set                   ? 
_refine.pdbx_average_fsc_overall                 ? 
_refine.pdbx_average_fsc_work                    ? 
_refine.pdbx_average_fsc_free                    ? 
# 
_refine_hist.pdbx_refine_id                   'X-RAY DIFFRACTION' 
_refine_hist.cycle_id                         1 
_refine_hist.pdbx_number_atoms_protein        0 
_refine_hist.pdbx_number_atoms_nucleic_acid   490 
_refine_hist.pdbx_number_atoms_ligand         0 
_refine_hist.number_atoms_solvent             0 
_refine_hist.number_atoms_total               490 
_refine_hist.d_res_high                       2.90 
_refine_hist.d_res_low                        35.09 
# 
loop_
_refine_ls_restr.pdbx_refine_id 
_refine_ls_restr.criterion 
_refine_ls_restr.dev_ideal 
_refine_ls_restr.dev_ideal_target 
_refine_ls_restr.number 
_refine_ls_restr.rejects 
_refine_ls_restr.type 
_refine_ls_restr.weight 
_refine_ls_restr.pdbx_restraint_function 
'X-RAY DIFFRACTION' ? 0.008 0.011  566  ? r_bond_refined_d             ? ? 
'X-RAY DIFFRACTION' ? 0.002 0.020  270  ? r_bond_other_d               ? ? 
'X-RAY DIFFRACTION' ? 1.156 1.248  843  ? r_angle_refined_deg          ? ? 
'X-RAY DIFFRACTION' ? 1.466 3.000  640  ? r_angle_other_deg            ? ? 
'X-RAY DIFFRACTION' ? 9.784 6.574  107  ? r_dihedral_angle_1_deg       ? ? 
'X-RAY DIFFRACTION' ? ?     ?      ?    ? r_dihedral_angle_2_deg       ? ? 
'X-RAY DIFFRACTION' ? ?     ?      ?    ? r_dihedral_angle_3_deg       ? ? 
'X-RAY DIFFRACTION' ? ?     ?      ?    ? r_dihedral_angle_4_deg       ? ? 
'X-RAY DIFFRACTION' ? 0.144 0.248  87   ? r_chiral_restr               ? ? 
'X-RAY DIFFRACTION' ? 0.016 0.020  293  ? r_gen_planes_refined         ? ? 
'X-RAY DIFFRACTION' ? 0.002 0.020  122  ? r_gen_planes_other           ? ? 
'X-RAY DIFFRACTION' ? ?     ?      ?    ? r_nbd_refined                ? ? 
'X-RAY DIFFRACTION' ? ?     ?      ?    ? r_nbd_other                  ? ? 
'X-RAY DIFFRACTION' ? ?     ?      ?    ? r_nbtor_refined              ? ? 
'X-RAY DIFFRACTION' ? ?     ?      ?    ? r_nbtor_other                ? ? 
'X-RAY DIFFRACTION' ? ?     ?      ?    ? r_xyhbond_nbd_refined        ? ? 
'X-RAY DIFFRACTION' ? ?     ?      ?    ? r_xyhbond_nbd_other          ? ? 
'X-RAY DIFFRACTION' ? ?     ?      ?    ? r_metal_ion_refined          ? ? 
'X-RAY DIFFRACTION' ? ?     ?      ?    ? r_metal_ion_other            ? ? 
'X-RAY DIFFRACTION' ? ?     ?      ?    ? r_symmetry_vdw_refined       ? ? 
'X-RAY DIFFRACTION' ? ?     ?      ?    ? r_symmetry_vdw_other         ? ? 
'X-RAY DIFFRACTION' ? ?     ?      ?    ? r_symmetry_hbond_refined     ? ? 
'X-RAY DIFFRACTION' ? ?     ?      ?    ? r_symmetry_hbond_other       ? ? 
'X-RAY DIFFRACTION' ? ?     ?      ?    ? r_symmetry_metal_ion_refined ? ? 
'X-RAY DIFFRACTION' ? ?     ?      ?    ? r_symmetry_metal_ion_other   ? ? 
'X-RAY DIFFRACTION' ? ?     ?      ?    ? r_mcbond_it                  ? ? 
'X-RAY DIFFRACTION' ? ?     ?      ?    ? r_mcbond_other               ? ? 
'X-RAY DIFFRACTION' ? ?     ?      ?    ? r_mcangle_it                 ? ? 
'X-RAY DIFFRACTION' ? ?     ?      ?    ? r_mcangle_other              ? ? 
'X-RAY DIFFRACTION' ? 5.538 8.363  566  ? r_scbond_it                  ? ? 
'X-RAY DIFFRACTION' ? 5.520 8.365  565  ? r_scbond_other               ? ? 
'X-RAY DIFFRACTION' ? ?     ?      ?    ? r_scangle_it                 ? ? 
'X-RAY DIFFRACTION' ? 8.237 12.557 844  ? r_scangle_other              ? ? 
'X-RAY DIFFRACTION' ? 9.403 ?      2426 ? r_long_range_B_refined       ? ? 
'X-RAY DIFFRACTION' ? 9.404 ?      2427 ? r_long_range_B_other         ? ? 
'X-RAY DIFFRACTION' ? ?     ?      ?    ? r_rigid_bond_restr           ? ? 
'X-RAY DIFFRACTION' ? ?     ?      ?    ? r_sphericity_free            ? ? 
'X-RAY DIFFRACTION' ? ?     ?      ?    ? r_sphericity_bonded          ? ? 
# 
_refine_ls_shell.pdbx_refine_id                   'X-RAY DIFFRACTION' 
_refine_ls_shell.d_res_high                       2.900 
_refine_ls_shell.d_res_low                        2.975 
_refine_ls_shell.number_reflns_all                ? 
_refine_ls_shell.number_reflns_obs                ? 
_refine_ls_shell.number_reflns_R_free             4 
_refine_ls_shell.number_reflns_R_work             124 
_refine_ls_shell.percent_reflns_obs               99.22 
_refine_ls_shell.percent_reflns_R_free            ? 
_refine_ls_shell.R_factor_all                     ? 
_refine_ls_shell.R_factor_obs                     ? 
_refine_ls_shell.R_factor_R_free                  0.394 
_refine_ls_shell.R_factor_R_free_error            ? 
_refine_ls_shell.R_factor_R_work                  0.466 
_refine_ls_shell.redundancy_reflns_all            ? 
_refine_ls_shell.redundancy_reflns_obs            ? 
_refine_ls_shell.wR_factor_all                    ? 
_refine_ls_shell.wR_factor_obs                    ? 
_refine_ls_shell.wR_factor_R_free                 ? 
_refine_ls_shell.wR_factor_R_work                 ? 
_refine_ls_shell.pdbx_total_number_of_bins_used   20 
_refine_ls_shell.pdbx_phase_error                 ? 
_refine_ls_shell.pdbx_fsc_work                    ? 
_refine_ls_shell.pdbx_fsc_free                    ? 
# 
_struct.entry_id                     6QJR 
_struct.title                        
'Crystal structure of a DNA dodecamer containing a tetramethylpyrrolinoxyl (nitroxide) spin label' 
_struct.pdbx_model_details           ? 
_struct.pdbx_formula_weight          ? 
_struct.pdbx_formula_weight_method   ? 
_struct.pdbx_model_type_details      ? 
_struct.pdbx_CASP_flag               N 
# 
_struct_keywords.entry_id        6QJR 
_struct_keywords.text            'Nitroxide, Spin label, Tetramethylpyrrolinoxyl, DNA' 
_struct_keywords.pdbx_keywords   DNA 
# 
loop_
_struct_asym.id 
_struct_asym.pdbx_blank_PDB_chainid_flag 
_struct_asym.pdbx_modified 
_struct_asym.entity_id 
_struct_asym.details 
A N N 1 ? 
B N N 2 ? 
# 
loop_
_struct_ref.id 
_struct_ref.db_name 
_struct_ref.db_code 
_struct_ref.pdbx_db_accession 
_struct_ref.pdbx_db_isoform 
_struct_ref.entity_id 
_struct_ref.pdbx_seq_one_letter_code 
_struct_ref.pdbx_align_begin 
1 PDB 6QJR 6QJR ? 1 ? 1 
2 PDB 6QJR 6QJR ? 2 ? 1 
# 
loop_
_struct_ref_seq.align_id 
_struct_ref_seq.ref_id 
_struct_ref_seq.pdbx_PDB_id_code 
_struct_ref_seq.pdbx_strand_id 
_struct_ref_seq.seq_align_beg 
_struct_ref_seq.pdbx_seq_align_beg_ins_code 
_struct_ref_seq.seq_align_end 
_struct_ref_seq.pdbx_seq_align_end_ins_code 
_struct_ref_seq.pdbx_db_accession 
_struct_ref_seq.db_align_beg 
_struct_ref_seq.pdbx_db_align_beg_ins_code 
_struct_ref_seq.db_align_end 
_struct_ref_seq.pdbx_db_align_end_ins_code 
_struct_ref_seq.pdbx_auth_seq_align_beg 
_struct_ref_seq.pdbx_auth_seq_align_end 
1 1 6QJR A 1 ? 12 ? 6QJR 1  ? 12 ? 1  12 
2 2 6QJR B 1 ? 12 ? 6QJR 13 ? 24 ? 13 24 
# 
_pdbx_struct_assembly.id                   1 
_pdbx_struct_assembly.details              author_and_software_defined_assembly 
_pdbx_struct_assembly.method_details       PISA 
_pdbx_struct_assembly.oligomeric_details   dimeric 
_pdbx_struct_assembly.oligomeric_count     2 
# 
loop_
_pdbx_struct_assembly_prop.biol_id 
_pdbx_struct_assembly_prop.type 
_pdbx_struct_assembly_prop.value 
_pdbx_struct_assembly_prop.details 
1 'ABSA (A^2)' 1150 ? 
1 MORE         -5   ? 
1 'SSA (A^2)'  4550 ? 
# 
_pdbx_struct_assembly_gen.assembly_id       1 
_pdbx_struct_assembly_gen.oper_expression   1 
_pdbx_struct_assembly_gen.asym_id_list      A,B 
# 
_pdbx_struct_assembly_auth_evidence.id                     1 
_pdbx_struct_assembly_auth_evidence.assembly_id            1 
_pdbx_struct_assembly_auth_evidence.experimental_support   'mass spectrometry' 
_pdbx_struct_assembly_auth_evidence.details                ? 
# 
_pdbx_struct_oper_list.id                   1 
_pdbx_struct_oper_list.type                 'identity operation' 
_pdbx_struct_oper_list.name                 1_555 
_pdbx_struct_oper_list.symmetry_operation   x,y,z 
_pdbx_struct_oper_list.matrix[1][1]         1.0000000000 
_pdbx_struct_oper_list.matrix[1][2]         0.0000000000 
_pdbx_struct_oper_list.matrix[1][3]         0.0000000000 
_pdbx_struct_oper_list.vector[1]            0.0000000000 
_pdbx_struct_oper_list.matrix[2][1]         0.0000000000 
_pdbx_struct_oper_list.matrix[2][2]         1.0000000000 
_pdbx_struct_oper_list.matrix[2][3]         0.0000000000 
_pdbx_struct_oper_list.vector[2]            0.0000000000 
_pdbx_struct_oper_list.matrix[3][1]         0.0000000000 
_pdbx_struct_oper_list.matrix[3][2]         0.0000000000 
_pdbx_struct_oper_list.matrix[3][3]         1.0000000000 
_pdbx_struct_oper_list.vector[3]            0.0000000000 
# 
loop_
_struct_conn.id 
_struct_conn.conn_type_id 
_struct_conn.pdbx_leaving_atom_flag 
_struct_conn.pdbx_PDB_id 
_struct_conn.ptnr1_label_asym_id 
_struct_conn.ptnr1_label_comp_id 
_struct_conn.ptnr1_label_seq_id 
_struct_conn.ptnr1_label_atom_id 
_struct_conn.pdbx_ptnr1_label_alt_id 
_struct_conn.pdbx_ptnr1_PDB_ins_code 
_struct_conn.pdbx_ptnr1_standard_comp_id 
_struct_conn.ptnr1_symmetry 
_struct_conn.ptnr2_label_asym_id 
_struct_conn.ptnr2_label_comp_id 
_struct_conn.ptnr2_label_seq_id 
_struct_conn.ptnr2_label_atom_id 
_struct_conn.pdbx_ptnr2_label_alt_id 
_struct_conn.pdbx_ptnr2_PDB_ins_code 
_struct_conn.ptnr1_auth_asym_id 
_struct_conn.ptnr1_auth_comp_id 
_struct_conn.ptnr1_auth_seq_id 
_struct_conn.ptnr2_auth_asym_id 
_struct_conn.ptnr2_auth_comp_id 
_struct_conn.ptnr2_auth_seq_id 
_struct_conn.ptnr2_symmetry 
_struct_conn.pdbx_ptnr3_label_atom_id 
_struct_conn.pdbx_ptnr3_label_seq_id 
_struct_conn.pdbx_ptnr3_label_comp_id 
_struct_conn.pdbx_ptnr3_label_asym_id 
_struct_conn.pdbx_ptnr3_label_alt_id 
_struct_conn.pdbx_ptnr3_PDB_ins_code 
_struct_conn.details 
_struct_conn.pdbx_dist_value 
_struct_conn.pdbx_value_order 
_struct_conn.pdbx_role 
covale1  covale one ? B DT  8  "O3'" ? ? ? 1_555 B J4T 9  P  ? ? B DT  20 B J4T 21 1_555 ? ? ? ? ? ? ?            1.610 ? ? 
covale2  covale one ? B J4T 9  "O3'" ? ? ? 1_555 B DG  10 P  ? ? B J4T 21 B DG  22 1_555 ? ? ? ? ? ? ?            1.562 ? ? 
hydrog1  hydrog ?   ? A DC  1  N3    ? ? ? 1_555 B DG  12 N1 ? ? A DC  1  B DG  24 1_555 ? ? ? ? ? ? WATSON-CRICK ?     ? ? 
hydrog2  hydrog ?   ? A DC  1  N4    ? ? ? 1_555 B DG  12 O6 ? ? A DC  1  B DG  24 1_555 ? ? ? ? ? ? WATSON-CRICK ?     ? ? 
hydrog3  hydrog ?   ? A DC  1  O2    ? ? ? 1_555 B DG  12 N2 ? ? A DC  1  B DG  24 1_555 ? ? ? ? ? ? WATSON-CRICK ?     ? ? 
hydrog4  hydrog ?   ? A DG  2  N1    ? ? ? 1_555 B DC  11 N3 ? ? A DG  2  B DC  23 1_555 ? ? ? ? ? ? WATSON-CRICK ?     ? ? 
hydrog5  hydrog ?   ? A DG  2  N2    ? ? ? 1_555 B DC  11 O2 ? ? A DG  2  B DC  23 1_555 ? ? ? ? ? ? WATSON-CRICK ?     ? ? 
hydrog6  hydrog ?   ? A DG  2  O6    ? ? ? 1_555 B DC  11 N4 ? ? A DG  2  B DC  23 1_555 ? ? ? ? ? ? WATSON-CRICK ?     ? ? 
hydrog7  hydrog ?   ? A DC  3  N3    ? ? ? 1_555 B DG  10 N1 ? ? A DC  3  B DG  22 1_555 ? ? ? ? ? ? WATSON-CRICK ?     ? ? 
hydrog8  hydrog ?   ? A DC  3  N4    ? ? ? 1_555 B DG  10 O6 ? ? A DC  3  B DG  22 1_555 ? ? ? ? ? ? WATSON-CRICK ?     ? ? 
hydrog9  hydrog ?   ? A DC  3  O2    ? ? ? 1_555 B DG  10 N2 ? ? A DC  3  B DG  22 1_555 ? ? ? ? ? ? WATSON-CRICK ?     ? ? 
hydrog10 hydrog ?   ? A DA  5  N1    ? ? ? 1_555 B DT  8  N3 ? ? A DA  5  B DT  20 1_555 ? ? ? ? ? ? WATSON-CRICK ?     ? ? 
hydrog11 hydrog ?   ? A DA  5  N6    ? ? ? 1_555 B DT  8  O4 ? ? A DA  5  B DT  20 1_555 ? ? ? ? ? ? WATSON-CRICK ?     ? ? 
hydrog12 hydrog ?   ? A DA  6  N1    ? ? ? 1_555 B DT  7  N3 ? ? A DA  6  B DT  19 1_555 ? ? ? ? ? ? WATSON-CRICK ?     ? ? 
hydrog13 hydrog ?   ? A DA  6  N6    ? ? ? 1_555 B DT  7  O4 ? ? A DA  6  B DT  19 1_555 ? ? ? ? ? ? WATSON-CRICK ?     ? ? 
hydrog14 hydrog ?   ? A DA  7  N1    ? ? ? 1_555 B DT  6  N3 ? ? A DA  7  B DT  18 1_555 ? ? ? ? ? ? WATSON-CRICK ?     ? ? 
hydrog15 hydrog ?   ? A DA  7  N6    ? ? ? 1_555 B DT  6  O4 ? ? A DA  7  B DT  18 1_555 ? ? ? ? ? ? WATSON-CRICK ?     ? ? 
hydrog16 hydrog ?   ? A DA  8  N1    ? ? ? 1_555 B DT  5  N3 ? ? A DA  8  B DT  17 1_555 ? ? ? ? ? ? WATSON-CRICK ?     ? ? 
hydrog17 hydrog ?   ? A DA  8  N6    ? ? ? 1_555 B DT  5  O4 ? ? A DA  8  B DT  17 1_555 ? ? ? ? ? ? WATSON-CRICK ?     ? ? 
hydrog18 hydrog ?   ? A DA  9  N1    ? ? ? 1_555 B DT  4  N3 ? ? A DA  9  B DT  16 1_555 ? ? ? ? ? ? WATSON-CRICK ?     ? ? 
hydrog19 hydrog ?   ? A DA  9  N6    ? ? ? 1_555 B DT  4  O4 ? ? A DA  9  B DT  16 1_555 ? ? ? ? ? ? WATSON-CRICK ?     ? ? 
hydrog20 hydrog ?   ? A DG  10 N1    ? ? ? 1_555 B DC  3  N3 ? ? A DG  10 B DC  15 1_555 ? ? ? ? ? ? WATSON-CRICK ?     ? ? 
hydrog21 hydrog ?   ? A DG  10 N2    ? ? ? 1_555 B DC  3  O2 ? ? A DG  10 B DC  15 1_555 ? ? ? ? ? ? WATSON-CRICK ?     ? ? 
hydrog22 hydrog ?   ? A DG  10 O6    ? ? ? 1_555 B DC  3  N4 ? ? A DG  10 B DC  15 1_555 ? ? ? ? ? ? WATSON-CRICK ?     ? ? 
hydrog23 hydrog ?   ? A DC  11 N3    ? ? ? 1_555 B DG  2  N1 ? ? A DC  11 B DG  14 1_555 ? ? ? ? ? ? WATSON-CRICK ?     ? ? 
hydrog24 hydrog ?   ? A DC  11 N4    ? ? ? 1_555 B DG  2  O6 ? ? A DC  11 B DG  14 1_555 ? ? ? ? ? ? WATSON-CRICK ?     ? ? 
hydrog25 hydrog ?   ? A DC  11 O2    ? ? ? 1_555 B DG  2  N2 ? ? A DC  11 B DG  14 1_555 ? ? ? ? ? ? WATSON-CRICK ?     ? ? 
hydrog26 hydrog ?   ? A DG  12 N1    ? ? ? 1_555 B DC  1  N3 ? ? A DG  12 B DC  13 1_555 ? ? ? ? ? ? WATSON-CRICK ?     ? ? 
hydrog27 hydrog ?   ? A DG  12 N2    ? ? ? 1_555 B DC  1  O2 ? ? A DG  12 B DC  13 1_555 ? ? ? ? ? ? WATSON-CRICK ?     ? ? 
hydrog28 hydrog ?   ? A DG  12 O6    ? ? ? 1_555 B DC  1  N4 ? ? A DG  12 B DC  13 1_555 ? ? ? ? ? ? WATSON-CRICK ?     ? ? 
# 
loop_
_struct_conn_type.id 
_struct_conn_type.criteria 
_struct_conn_type.reference 
covale ? ? 
hydrog ? ? 
# 
loop_
_chem_comp_atom.comp_id 
_chem_comp_atom.atom_id 
_chem_comp_atom.type_symbol 
_chem_comp_atom.pdbx_aromatic_flag 
_chem_comp_atom.pdbx_stereo_config 
_chem_comp_atom.pdbx_ordinal 
DA  OP3    O N N 1   
DA  P      P N N 2   
DA  OP1    O N N 3   
DA  OP2    O N N 4   
DA  "O5'"  O N N 5   
DA  "C5'"  C N N 6   
DA  "C4'"  C N R 7   
DA  "O4'"  O N N 8   
DA  "C3'"  C N S 9   
DA  "O3'"  O N N 10  
DA  "C2'"  C N N 11  
DA  "C1'"  C N R 12  
DA  N9     N Y N 13  
DA  C8     C Y N 14  
DA  N7     N Y N 15  
DA  C5     C Y N 16  
DA  C6     C Y N 17  
DA  N6     N N N 18  
DA  N1     N Y N 19  
DA  C2     C Y N 20  
DA  N3     N Y N 21  
DA  C4     C Y N 22  
DA  HOP3   H N N 23  
DA  HOP2   H N N 24  
DA  "H5'"  H N N 25  
DA  "H5''" H N N 26  
DA  "H4'"  H N N 27  
DA  "H3'"  H N N 28  
DA  "HO3'" H N N 29  
DA  "H2'"  H N N 30  
DA  "H2''" H N N 31  
DA  "H1'"  H N N 32  
DA  H8     H N N 33  
DA  H61    H N N 34  
DA  H62    H N N 35  
DA  H2     H N N 36  
DC  OP3    O N N 37  
DC  P      P N N 38  
DC  OP1    O N N 39  
DC  OP2    O N N 40  
DC  "O5'"  O N N 41  
DC  "C5'"  C N N 42  
DC  "C4'"  C N R 43  
DC  "O4'"  O N N 44  
DC  "C3'"  C N S 45  
DC  "O3'"  O N N 46  
DC  "C2'"  C N N 47  
DC  "C1'"  C N R 48  
DC  N1     N N N 49  
DC  C2     C N N 50  
DC  O2     O N N 51  
DC  N3     N N N 52  
DC  C4     C N N 53  
DC  N4     N N N 54  
DC  C5     C N N 55  
DC  C6     C N N 56  
DC  HOP3   H N N 57  
DC  HOP2   H N N 58  
DC  "H5'"  H N N 59  
DC  "H5''" H N N 60  
DC  "H4'"  H N N 61  
DC  "H3'"  H N N 62  
DC  "HO3'" H N N 63  
DC  "H2'"  H N N 64  
DC  "H2''" H N N 65  
DC  "H1'"  H N N 66  
DC  H41    H N N 67  
DC  H42    H N N 68  
DC  H5     H N N 69  
DC  H6     H N N 70  
DG  OP3    O N N 71  
DG  P      P N N 72  
DG  OP1    O N N 73  
DG  OP2    O N N 74  
DG  "O5'"  O N N 75  
DG  "C5'"  C N N 76  
DG  "C4'"  C N R 77  
DG  "O4'"  O N N 78  
DG  "C3'"  C N S 79  
DG  "O3'"  O N N 80  
DG  "C2'"  C N N 81  
DG  "C1'"  C N R 82  
DG  N9     N Y N 83  
DG  C8     C Y N 84  
DG  N7     N Y N 85  
DG  C5     C Y N 86  
DG  C6     C N N 87  
DG  O6     O N N 88  
DG  N1     N N N 89  
DG  C2     C N N 90  
DG  N2     N N N 91  
DG  N3     N N N 92  
DG  C4     C Y N 93  
DG  HOP3   H N N 94  
DG  HOP2   H N N 95  
DG  "H5'"  H N N 96  
DG  "H5''" H N N 97  
DG  "H4'"  H N N 98  
DG  "H3'"  H N N 99  
DG  "HO3'" H N N 100 
DG  "H2'"  H N N 101 
DG  "H2''" H N N 102 
DG  "H1'"  H N N 103 
DG  H8     H N N 104 
DG  H1     H N N 105 
DG  H21    H N N 106 
DG  H22    H N N 107 
DT  OP3    O N N 108 
DT  P      P N N 109 
DT  OP1    O N N 110 
DT  OP2    O N N 111 
DT  "O5'"  O N N 112 
DT  "C5'"  C N N 113 
DT  "C4'"  C N R 114 
DT  "O4'"  O N N 115 
DT  "C3'"  C N S 116 
DT  "O3'"  O N N 117 
DT  "C2'"  C N N 118 
DT  "C1'"  C N R 119 
DT  N1     N N N 120 
DT  C2     C N N 121 
DT  O2     O N N 122 
DT  N3     N N N 123 
DT  C4     C N N 124 
DT  O4     O N N 125 
DT  C5     C N N 126 
DT  C7     C N N 127 
DT  C6     C N N 128 
DT  HOP3   H N N 129 
DT  HOP2   H N N 130 
DT  "H5'"  H N N 131 
DT  "H5''" H N N 132 
DT  "H4'"  H N N 133 
DT  "H3'"  H N N 134 
DT  "HO3'" H N N 135 
DT  "H2'"  H N N 136 
DT  "H2''" H N N 137 
DT  "H1'"  H N N 138 
DT  H3     H N N 139 
DT  H71    H N N 140 
DT  H72    H N N 141 
DT  H73    H N N 142 
DT  H6     H N N 143 
J4T P      P N N 144 
J4T OP1    O N N 145 
J4T "O5'"  O N N 146 
J4T "C5'"  C N N 147 
J4T "C4'"  C N R 148 
J4T "C3'"  C N S 149 
J4T "O3'"  O N N 150 
J4T "C2'"  C N R 151 
J4T "C1'"  C N R 152 
J4T "O4'"  O N N 153 
J4T N1     N N N 154 
J4T C6     C N N 155 
J4T C5     C N N 156 
J4T C4     C N N 157 
J4T N3     N N N 158 
J4T C2     C N N 159 
J4T O2     O N N 160 
J4T O4     O N N 161 
J4T OP2    O N N 162 
J4T C3     C Y N 163 
J4T C7     C Y N 164 
J4T N8     N Y N 165 
J4T N9     N Y N 166 
J4T N10    N Y N 167 
J4T H2     H N N 168 
J4T H3     H N N 169 
J4T H4     H N N 170 
J4T H5     H N N 171 
J4T H6     H N N 172 
J4T H7     H N N 173 
J4T H8     H N N 174 
J4T H9     H N N 175 
J4T H10    H N N 176 
J4T H11    H N N 177 
J4T H12    H N N 178 
J4T H13    H N N 179 
J4T O1     O N N 180 
J4T C1     C N N 181 
J4T C12    C N N 182 
J4T C8     C N N 183 
J4T N2     N N N 184 
J4T C10    C N N 185 
J4T C11    C N N 186 
J4T C9     C N N 187 
J4T C13    C N N 188 
J4T C14    C N N 189 
J4T C15    C N N 190 
J4T O3     O N N 191 
J4T H1     H N N 192 
J4T H14    H N N 193 
J4T H15    H N N 194 
J4T H16    H N N 195 
J4T H17    H N N 196 
J4T H18    H N N 197 
J4T H19    H N N 198 
J4T H20    H N N 199 
J4T H21    H N N 200 
J4T H22    H N N 201 
J4T H23    H N N 202 
J4T H24    H N N 203 
J4T H25    H N N 204 
J4T H26    H N N 205 
J4T H27    H N N 206 
J4T H28    H N N 207 
J4T H29    H N N 208 
# 
loop_
_chem_comp_bond.comp_id 
_chem_comp_bond.atom_id_1 
_chem_comp_bond.atom_id_2 
_chem_comp_bond.value_order 
_chem_comp_bond.pdbx_aromatic_flag 
_chem_comp_bond.pdbx_stereo_config 
_chem_comp_bond.pdbx_ordinal 
DA  OP3   P      sing N N 1   
DA  OP3   HOP3   sing N N 2   
DA  P     OP1    doub N N 3   
DA  P     OP2    sing N N 4   
DA  P     "O5'"  sing N N 5   
DA  OP2   HOP2   sing N N 6   
DA  "O5'" "C5'"  sing N N 7   
DA  "C5'" "C4'"  sing N N 8   
DA  "C5'" "H5'"  sing N N 9   
DA  "C5'" "H5''" sing N N 10  
DA  "C4'" "O4'"  sing N N 11  
DA  "C4'" "C3'"  sing N N 12  
DA  "C4'" "H4'"  sing N N 13  
DA  "O4'" "C1'"  sing N N 14  
DA  "C3'" "O3'"  sing N N 15  
DA  "C3'" "C2'"  sing N N 16  
DA  "C3'" "H3'"  sing N N 17  
DA  "O3'" "HO3'" sing N N 18  
DA  "C2'" "C1'"  sing N N 19  
DA  "C2'" "H2'"  sing N N 20  
DA  "C2'" "H2''" sing N N 21  
DA  "C1'" N9     sing N N 22  
DA  "C1'" "H1'"  sing N N 23  
DA  N9    C8     sing Y N 24  
DA  N9    C4     sing Y N 25  
DA  C8    N7     doub Y N 26  
DA  C8    H8     sing N N 27  
DA  N7    C5     sing Y N 28  
DA  C5    C6     sing Y N 29  
DA  C5    C4     doub Y N 30  
DA  C6    N6     sing N N 31  
DA  C6    N1     doub Y N 32  
DA  N6    H61    sing N N 33  
DA  N6    H62    sing N N 34  
DA  N1    C2     sing Y N 35  
DA  C2    N3     doub Y N 36  
DA  C2    H2     sing N N 37  
DA  N3    C4     sing Y N 38  
DC  OP3   P      sing N N 39  
DC  OP3   HOP3   sing N N 40  
DC  P     OP1    doub N N 41  
DC  P     OP2    sing N N 42  
DC  P     "O5'"  sing N N 43  
DC  OP2   HOP2   sing N N 44  
DC  "O5'" "C5'"  sing N N 45  
DC  "C5'" "C4'"  sing N N 46  
DC  "C5'" "H5'"  sing N N 47  
DC  "C5'" "H5''" sing N N 48  
DC  "C4'" "O4'"  sing N N 49  
DC  "C4'" "C3'"  sing N N 50  
DC  "C4'" "H4'"  sing N N 51  
DC  "O4'" "C1'"  sing N N 52  
DC  "C3'" "O3'"  sing N N 53  
DC  "C3'" "C2'"  sing N N 54  
DC  "C3'" "H3'"  sing N N 55  
DC  "O3'" "HO3'" sing N N 56  
DC  "C2'" "C1'"  sing N N 57  
DC  "C2'" "H2'"  sing N N 58  
DC  "C2'" "H2''" sing N N 59  
DC  "C1'" N1     sing N N 60  
DC  "C1'" "H1'"  sing N N 61  
DC  N1    C2     sing N N 62  
DC  N1    C6     sing N N 63  
DC  C2    O2     doub N N 64  
DC  C2    N3     sing N N 65  
DC  N3    C4     doub N N 66  
DC  C4    N4     sing N N 67  
DC  C4    C5     sing N N 68  
DC  N4    H41    sing N N 69  
DC  N4    H42    sing N N 70  
DC  C5    C6     doub N N 71  
DC  C5    H5     sing N N 72  
DC  C6    H6     sing N N 73  
DG  OP3   P      sing N N 74  
DG  OP3   HOP3   sing N N 75  
DG  P     OP1    doub N N 76  
DG  P     OP2    sing N N 77  
DG  P     "O5'"  sing N N 78  
DG  OP2   HOP2   sing N N 79  
DG  "O5'" "C5'"  sing N N 80  
DG  "C5'" "C4'"  sing N N 81  
DG  "C5'" "H5'"  sing N N 82  
DG  "C5'" "H5''" sing N N 83  
DG  "C4'" "O4'"  sing N N 84  
DG  "C4'" "C3'"  sing N N 85  
DG  "C4'" "H4'"  sing N N 86  
DG  "O4'" "C1'"  sing N N 87  
DG  "C3'" "O3'"  sing N N 88  
DG  "C3'" "C2'"  sing N N 89  
DG  "C3'" "H3'"  sing N N 90  
DG  "O3'" "HO3'" sing N N 91  
DG  "C2'" "C1'"  sing N N 92  
DG  "C2'" "H2'"  sing N N 93  
DG  "C2'" "H2''" sing N N 94  
DG  "C1'" N9     sing N N 95  
DG  "C1'" "H1'"  sing N N 96  
DG  N9    C8     sing Y N 97  
DG  N9    C4     sing Y N 98  
DG  C8    N7     doub Y N 99  
DG  C8    H8     sing N N 100 
DG  N7    C5     sing Y N 101 
DG  C5    C6     sing N N 102 
DG  C5    C4     doub Y N 103 
DG  C6    O6     doub N N 104 
DG  C6    N1     sing N N 105 
DG  N1    C2     sing N N 106 
DG  N1    H1     sing N N 107 
DG  C2    N2     sing N N 108 
DG  C2    N3     doub N N 109 
DG  N2    H21    sing N N 110 
DG  N2    H22    sing N N 111 
DG  N3    C4     sing N N 112 
DT  OP3   P      sing N N 113 
DT  OP3   HOP3   sing N N 114 
DT  P     OP1    doub N N 115 
DT  P     OP2    sing N N 116 
DT  P     "O5'"  sing N N 117 
DT  OP2   HOP2   sing N N 118 
DT  "O5'" "C5'"  sing N N 119 
DT  "C5'" "C4'"  sing N N 120 
DT  "C5'" "H5'"  sing N N 121 
DT  "C5'" "H5''" sing N N 122 
DT  "C4'" "O4'"  sing N N 123 
DT  "C4'" "C3'"  sing N N 124 
DT  "C4'" "H4'"  sing N N 125 
DT  "O4'" "C1'"  sing N N 126 
DT  "C3'" "O3'"  sing N N 127 
DT  "C3'" "C2'"  sing N N 128 
DT  "C3'" "H3'"  sing N N 129 
DT  "O3'" "HO3'" sing N N 130 
DT  "C2'" "C1'"  sing N N 131 
DT  "C2'" "H2'"  sing N N 132 
DT  "C2'" "H2''" sing N N 133 
DT  "C1'" N1     sing N N 134 
DT  "C1'" "H1'"  sing N N 135 
DT  N1    C2     sing N N 136 
DT  N1    C6     sing N N 137 
DT  C2    O2     doub N N 138 
DT  C2    N3     sing N N 139 
DT  N3    C4     sing N N 140 
DT  N3    H3     sing N N 141 
DT  C4    O4     doub N N 142 
DT  C4    C5     sing N N 143 
DT  C5    C7     sing N N 144 
DT  C5    C6     doub N N 145 
DT  C7    H71    sing N N 146 
DT  C7    H72    sing N N 147 
DT  C7    H73    sing N N 148 
DT  C6    H6     sing N N 149 
J4T "O5'" P      sing N N 150 
J4T "O5'" "C5'"  sing N N 151 
J4T P     OP2    sing N N 152 
J4T P     OP1    doub N N 153 
J4T "O4'" "C4'"  sing N N 154 
J4T "O4'" "C1'"  sing N N 155 
J4T "C5'" "C4'"  sing N N 156 
J4T "C4'" "C3'"  sing N N 157 
J4T "C1'" N1     sing N N 158 
J4T "C1'" "C2'"  sing N N 159 
J4T C6    N1     sing N N 160 
J4T C6    C5     doub N N 161 
J4T N1    C2     sing N N 162 
J4T C5    C4     sing N N 163 
J4T C2    O2     doub N N 164 
J4T C2    N3     sing N N 165 
J4T C4    N3     sing N N 166 
J4T C4    O4     doub N N 167 
J4T N10   N9     doub Y N 168 
J4T N10   C3     sing Y N 169 
J4T "C3'" "C2'"  sing N N 170 
J4T "C3'" "O3'"  sing N N 171 
J4T N9    N8     sing Y N 172 
J4T "C2'" C3     sing N N 173 
J4T C3    C7     doub Y N 174 
J4T N8    C7     sing Y N 175 
J4T "C5'" H2     sing N N 176 
J4T "C5'" H3     sing N N 177 
J4T "C4'" H4     sing N N 178 
J4T "C3'" H5     sing N N 179 
J4T "O3'" H6     sing N N 180 
J4T "C2'" H7     sing N N 181 
J4T "C1'" H8     sing N N 182 
J4T C6    H9     sing N N 183 
J4T C5    H10    sing N N 184 
J4T N3    H11    sing N N 185 
J4T OP2   H12    sing N N 186 
J4T C7    H13    sing N N 187 
J4T P     O1     sing N N 188 
J4T N8    C1     sing N N 189 
J4T C1    C12    sing N N 190 
J4T C12   C8     sing N N 191 
J4T C8    N2     sing N N 192 
J4T N2    C10    sing N N 193 
J4T C10   C11    sing N N 194 
J4T C11   C12    doub N N 195 
J4T C10   C9     sing N N 196 
J4T C10   C13    sing N N 197 
J4T C8    C14    sing N N 198 
J4T C8    C15    sing N N 199 
J4T N2    O3     sing N N 200 
J4T O1    H1     sing N N 201 
J4T C1    H14    sing N N 202 
J4T C1    H15    sing N N 203 
J4T C11   H16    sing N N 204 
J4T C9    H17    sing N N 205 
J4T C9    H18    sing N N 206 
J4T C9    H19    sing N N 207 
J4T C13   H20    sing N N 208 
J4T C13   H21    sing N N 209 
J4T C13   H22    sing N N 210 
J4T C14   H23    sing N N 211 
J4T C14   H24    sing N N 212 
J4T C14   H25    sing N N 213 
J4T C15   H26    sing N N 214 
J4T C15   H27    sing N N 215 
J4T C15   H28    sing N N 216 
J4T O3    H29    sing N N 217 
# 
loop_
_ndb_struct_conf_na.entry_id 
_ndb_struct_conf_na.feature 
6QJR 'double helix'        
6QJR 'b-form double helix' 
# 
loop_
_ndb_struct_na_base_pair.model_number 
_ndb_struct_na_base_pair.i_label_asym_id 
_ndb_struct_na_base_pair.i_label_comp_id 
_ndb_struct_na_base_pair.i_label_seq_id 
_ndb_struct_na_base_pair.i_symmetry 
_ndb_struct_na_base_pair.j_label_asym_id 
_ndb_struct_na_base_pair.j_label_comp_id 
_ndb_struct_na_base_pair.j_label_seq_id 
_ndb_struct_na_base_pair.j_symmetry 
_ndb_struct_na_base_pair.shear 
_ndb_struct_na_base_pair.stretch 
_ndb_struct_na_base_pair.stagger 
_ndb_struct_na_base_pair.buckle 
_ndb_struct_na_base_pair.propeller 
_ndb_struct_na_base_pair.opening 
_ndb_struct_na_base_pair.pair_number 
_ndb_struct_na_base_pair.pair_name 
_ndb_struct_na_base_pair.i_auth_asym_id 
_ndb_struct_na_base_pair.i_auth_seq_id 
_ndb_struct_na_base_pair.i_PDB_ins_code 
_ndb_struct_na_base_pair.j_auth_asym_id 
_ndb_struct_na_base_pair.j_auth_seq_id 
_ndb_struct_na_base_pair.j_PDB_ins_code 
_ndb_struct_na_base_pair.hbond_type_28 
_ndb_struct_na_base_pair.hbond_type_12 
1 A DC 1  1_555 B DG 12 1_555 0.386  -0.166 -0.453 9.123   8.689   -2.409 1  A_DC1:DG24_B  A 1  ? B 24 ? 19 1 
1 A DG 2  1_555 B DC 11 1_555 0.413  0.182  0.246  -6.038  -9.309  0.034  2  A_DG2:DC23_B  A 2  ? B 23 ? 19 1 
1 A DC 3  1_555 B DG 10 1_555 -0.130 0.207  0.092  -0.406  -6.285  5.602  3  A_DC3:DG22_B  A 3  ? B 22 ? 19 1 
1 A DA 5  1_555 B DT 8  1_555 -0.737 0.167  -0.040 4.205   -15.441 15.972 4  A_DA5:DT20_B  A 5  ? B 20 ? 20 1 
1 A DA 6  1_555 B DT 7  1_555 0.537  -0.101 0.015  3.609   -12.544 -1.030 5  A_DA6:DT19_B  A 6  ? B 19 ? 20 1 
1 A DA 7  1_555 B DT 6  1_555 -0.080 -0.142 0.079  3.847   -13.281 -0.077 6  A_DA7:DT18_B  A 7  ? B 18 ? 20 1 
1 A DA 8  1_555 B DT 5  1_555 0.074  -0.100 -0.045 -6.059  -15.064 -1.530 7  A_DA8:DT17_B  A 8  ? B 17 ? 20 1 
1 A DA 9  1_555 B DT 4  1_555 -0.045 -0.109 -0.280 -12.235 -12.767 -0.817 8  A_DA9:DT16_B  A 9  ? B 16 ? 20 1 
1 A DG 10 1_555 B DC 3  1_555 -0.317 -0.139 0.268  9.748   -10.513 -0.914 9  A_DG10:DC15_B A 10 ? B 15 ? 19 1 
1 A DC 11 1_555 B DG 2  1_555 0.183  -0.108 0.039  6.641   -15.358 -1.158 10 A_DC11:DG14_B A 11 ? B 14 ? 19 1 
1 A DG 12 1_555 B DC 1  1_555 0.083  0.056  -0.381 7.721   -6.771  -8.682 11 A_DG12:DC13_B A 12 ? B 13 ? 19 1 
# 
loop_
_ndb_struct_na_base_pair_step.model_number 
_ndb_struct_na_base_pair_step.i_label_asym_id_1 
_ndb_struct_na_base_pair_step.i_label_comp_id_1 
_ndb_struct_na_base_pair_step.i_label_seq_id_1 
_ndb_struct_na_base_pair_step.i_symmetry_1 
_ndb_struct_na_base_pair_step.j_label_asym_id_1 
_ndb_struct_na_base_pair_step.j_label_comp_id_1 
_ndb_struct_na_base_pair_step.j_label_seq_id_1 
_ndb_struct_na_base_pair_step.j_symmetry_1 
_ndb_struct_na_base_pair_step.i_label_asym_id_2 
_ndb_struct_na_base_pair_step.i_label_comp_id_2 
_ndb_struct_na_base_pair_step.i_label_seq_id_2 
_ndb_struct_na_base_pair_step.i_symmetry_2 
_ndb_struct_na_base_pair_step.j_label_asym_id_2 
_ndb_struct_na_base_pair_step.j_label_comp_id_2 
_ndb_struct_na_base_pair_step.j_label_seq_id_2 
_ndb_struct_na_base_pair_step.j_symmetry_2 
_ndb_struct_na_base_pair_step.shift 
_ndb_struct_na_base_pair_step.slide 
_ndb_struct_na_base_pair_step.rise 
_ndb_struct_na_base_pair_step.tilt 
_ndb_struct_na_base_pair_step.roll 
_ndb_struct_na_base_pair_step.twist 
_ndb_struct_na_base_pair_step.x_displacement 
_ndb_struct_na_base_pair_step.y_displacement 
_ndb_struct_na_base_pair_step.helical_rise 
_ndb_struct_na_base_pair_step.inclination 
_ndb_struct_na_base_pair_step.tip 
_ndb_struct_na_base_pair_step.helical_twist 
_ndb_struct_na_base_pair_step.step_number 
_ndb_struct_na_base_pair_step.step_name 
_ndb_struct_na_base_pair_step.i_auth_asym_id_1 
_ndb_struct_na_base_pair_step.i_auth_seq_id_1 
_ndb_struct_na_base_pair_step.i_PDB_ins_code_1 
_ndb_struct_na_base_pair_step.j_auth_asym_id_1 
_ndb_struct_na_base_pair_step.j_auth_seq_id_1 
_ndb_struct_na_base_pair_step.j_PDB_ins_code_1 
_ndb_struct_na_base_pair_step.i_auth_asym_id_2 
_ndb_struct_na_base_pair_step.i_auth_seq_id_2 
_ndb_struct_na_base_pair_step.i_PDB_ins_code_2 
_ndb_struct_na_base_pair_step.j_auth_asym_id_2 
_ndb_struct_na_base_pair_step.j_auth_seq_id_2 
_ndb_struct_na_base_pair_step.j_PDB_ins_code_2 
1 A DC 1  1_555 B DG 12 1_555 A DG 2  1_555 B DC 11 1_555 -0.981 -0.431 3.848 -8.216 -4.569 35.058 0.089  0.171  3.992 -7.421 
13.344 36.258 1  AA_DC1DG2:DC23DG24_BB   A 1  ? B 24 ? A 2  ? B 23 ? 
1 A DG 2  1_555 B DC 11 1_555 A DC 3  1_555 B DG 10 1_555 0.782  -0.220 3.085 3.760  2.397  35.169 -0.697 -0.758 3.128 3.948  
-6.192 35.442 2  AA_DG2DC3:DG22DC23_BB   A 2  ? B 23 ? A 3  ? B 22 ? 
1 A DC 3  1_555 B DG 10 1_555 A DA 5  1_555 B DT 8  1_555 -0.012 0.473  6.413 2.532  15.083 61.831 -0.864 0.232  6.361 14.443 
-2.424 63.512 3  AA_DC3DA5:DT20DG22_BB   A 3  ? B 22 ? A 5  ? B 20 ? 
1 A DA 5  1_555 B DT 8  1_555 A DA 6  1_555 B DT 7  1_555 -0.823 0.154  3.331 -3.374 -3.576 42.746 0.572  0.780  3.361 -4.886 
4.611  43.015 4  AA_DA5DA6:DT19DT20_BB   A 5  ? B 20 ? A 6  ? B 19 ? 
1 A DA 6  1_555 B DT 7  1_555 A DA 7  1_555 B DT 6  1_555 -0.295 -0.544 3.131 -0.438 -2.272 33.959 -0.580 0.437  3.164 -3.885 
0.749  34.035 5  AA_DA6DA7:DT18DT19_BB   A 6  ? B 19 ? A 7  ? B 18 ? 
1 A DA 7  1_555 B DT 6  1_555 A DA 8  1_555 B DT 5  1_555 -0.382 -0.401 3.534 -0.880 -3.672 37.333 -0.102 0.468  3.564 -5.718 
1.370  37.516 6  AA_DA7DA8:DT17DT18_BB   A 7  ? B 18 ? A 8  ? B 17 ? 
1 A DA 8  1_555 B DT 5  1_555 A DA 9  1_555 B DT 4  1_555 -0.091 -0.318 3.347 0.906  -2.690 38.282 -0.139 0.254  3.358 -4.095 
-1.379 38.383 7  AA_DA8DA9:DT16DT17_BB   A 8  ? B 17 ? A 9  ? B 16 ? 
1 A DA 9  1_555 B DT 4  1_555 A DG 10 1_555 B DC 3  1_555 0.884  0.306  2.932 -3.025 0.195  28.445 0.580  -2.394 2.827 0.396  
6.134  28.603 8  AA_DA9DG10:DC15DT16_BB  A 9  ? B 16 ? A 10 ? B 15 ? 
1 A DG 10 1_555 B DC 3  1_555 A DC 11 1_555 B DG 2  1_555 -0.910 0.598  3.347 2.046  -3.355 41.854 1.185  1.483  3.245 -4.684 
-2.856 42.030 9  AA_DG10DC11:DG14DC15_BB A 10 ? B 15 ? A 11 ? B 14 ? 
1 A DC 11 1_555 B DG 2  1_555 A DG 12 1_555 B DC 1  1_555 0.089  0.689  3.529 2.145  8.507  34.492 -0.245 0.201  3.592 14.067 
-3.547 35.558 10 AA_DC11DG12:DC13DG14_BB A 11 ? B 14 ? A 12 ? B 13 ? 
# 
loop_
_pdbx_audit_support.funding_organization 
_pdbx_audit_support.country 
_pdbx_audit_support.grant_number 
_pdbx_audit_support.ordinal 
'Engineering and Physical Sciences Research Council'     'United Kingdom' EP/M019195/1 1 
'Biotechnology and Biological Sciences Research Council' 'United Kingdom' BB/J001694/1 2 
# 
_pdbx_initial_refinement_model.id               1 
_pdbx_initial_refinement_model.entity_id_list   ? 
_pdbx_initial_refinement_model.type             'experimental model' 
_pdbx_initial_refinement_model.source_name      PDB 
_pdbx_initial_refinement_model.accession_code   1D98 
_pdbx_initial_refinement_model.details          ? 
# 
_atom_sites.entry_id                    6QJR 
_atom_sites.fract_transf_matrix[1][1]   -0.00261245 
_atom_sites.fract_transf_matrix[1][2]   0.03566523 
_atom_sites.fract_transf_matrix[1][3]   0.01697465 
_atom_sites.fract_transf_matrix[2][1]   0.00522890 
_atom_sites.fract_transf_matrix[2][2]   -0.00987046 
_atom_sites.fract_transf_matrix[2][3]   0.02154344 
_atom_sites.fract_transf_matrix[3][1]   0.01455083 
_atom_sites.fract_transf_matrix[3][2]   0.00225500 
_atom_sites.fract_transf_matrix[3][3]   -0.00249853 
_atom_sites.fract_transf_vector[1]      -0.271232 
_atom_sites.fract_transf_vector[2]      0.087393 
_atom_sites.fract_transf_vector[3]      -0.205409 
# 
loop_
_atom_type.symbol 
C 
N 
O 
P 
# 
loop_
_atom_site.group_PDB 
_atom_site.id 
_atom_site.type_symbol 
_atom_site.label_atom_id 
_atom_site.label_alt_id 
_atom_site.label_comp_id 
_atom_site.label_asym_id 
_atom_site.label_entity_id 
_atom_site.label_seq_id 
_atom_site.pdbx_PDB_ins_code 
_atom_site.Cartn_x 
_atom_site.Cartn_y 
_atom_site.Cartn_z 
_atom_site.occupancy 
_atom_site.B_iso_or_equiv 
_atom_site.pdbx_formal_charge 
_atom_site.auth_seq_id 
_atom_site.auth_comp_id 
_atom_site.auth_asym_id 
_atom_site.auth_atom_id 
_atom_site.pdbx_PDB_model_num 
ATOM   1   O "O5'" . DC  A 1 1  ? 13.728  15.289  1.515   1.00 114.23 ? 1  DC  A "O5'" 1 
ATOM   2   C "C5'" . DC  A 1 1  ? 12.513  14.510  1.486   1.00 106.05 ? 1  DC  A "C5'" 1 
ATOM   3   C "C4'" . DC  A 1 1  ? 12.326  13.902  0.117   1.00 102.85 ? 1  DC  A "C4'" 1 
ATOM   4   O "O4'" . DC  A 1 1  ? 13.407  12.970  -0.147  1.00 107.74 ? 1  DC  A "O4'" 1 
ATOM   5   C "C3'" . DC  A 1 1  ? 11.035  13.104  -0.064  1.00 100.49 ? 1  DC  A "C3'" 1 
ATOM   6   O "O3'" . DC  A 1 1  ? 10.543  13.291  -1.396  1.00 108.48 ? 1  DC  A "O3'" 1 
ATOM   7   C "C2'" . DC  A 1 1  ? 11.483  11.673  0.147   1.00 97.99  ? 1  DC  A "C2'" 1 
ATOM   8   C "C1'" . DC  A 1 1  ? 12.872  11.692  -0.463  1.00 102.71 ? 1  DC  A "C1'" 1 
ATOM   9   N N1    . DC  A 1 1  ? 13.794  10.671  0.065   1.00 98.35  ? 1  DC  A N1    1 
ATOM   10  C C2    . DC  A 1 1  ? 14.501  9.846   -0.829  1.00 99.70  ? 1  DC  A C2    1 
ATOM   11  O O2    . DC  A 1 1  ? 14.333  9.996   -2.053  1.00 105.19 ? 1  DC  A O2    1 
ATOM   12  N N3    . DC  A 1 1  ? 15.334  8.906   -0.337  1.00 86.97  ? 1  DC  A N3    1 
ATOM   13  C C4    . DC  A 1 1  ? 15.494  8.780   0.980   1.00 87.96  ? 1  DC  A C4    1 
ATOM   14  N N4    . DC  A 1 1  ? 16.336  7.843   1.417   1.00 88.86  ? 1  DC  A N4    1 
ATOM   15  C C5    . DC  A 1 1  ? 14.793  9.603   1.908   1.00 89.67  ? 1  DC  A C5    1 
ATOM   16  C C6    . DC  A 1 1  ? 13.961  10.526  1.412   1.00 89.78  ? 1  DC  A C6    1 
ATOM   17  P P     . DG  A 1 2  ? 9.015   12.934  -1.765  1.00 112.04 ? 2  DG  A P     1 
ATOM   18  O OP1   . DG  A 1 2  ? 8.236   14.198  -1.767  1.00 119.59 ? 2  DG  A OP1   1 
ATOM   19  O OP2   . DG  A 1 2  ? 8.574   11.786  -0.924  1.00 92.15  ? 2  DG  A OP2   1 
ATOM   20  O "O5'" . DG  A 1 2  ? 9.120   12.433  -3.270  1.00 110.89 ? 2  DG  A "O5'" 1 
ATOM   21  C "C5'" . DG  A 1 2  ? 9.881   13.164  -4.249  1.00 100.23 ? 2  DG  A "C5'" 1 
ATOM   22  C "C4'" . DG  A 1 2  ? 10.407  12.210  -5.295  1.00 94.20  ? 2  DG  A "C4'" 1 
ATOM   23  O "O4'" . DG  A 1 2  ? 11.534  11.498  -4.752  1.00 85.03  ? 2  DG  A "O4'" 1 
ATOM   24  C "C3'" . DG  A 1 2  ? 9.411   11.140  -5.728  1.00 88.29  ? 2  DG  A "C3'" 1 
ATOM   25  O "O3'" . DG  A 1 2  ? 8.734   11.565  -6.905  1.00 90.17  ? 2  DG  A "O3'" 1 
ATOM   26  C "C2'" . DG  A 1 2  ? 10.280  9.932   -6.015  1.00 84.04  ? 2  DG  A "C2'" 1 
ATOM   27  C "C1'" . DG  A 1 2  ? 11.499  10.126  -5.135  1.00 82.00  ? 2  DG  A "C1'" 1 
ATOM   28  N N9    . DG  A 1 2  ? 11.552  9.322   -3.917  1.00 78.71  ? 2  DG  A N9    1 
ATOM   29  C C8    . DG  A 1 2  ? 11.219  9.725   -2.647  1.00 80.86  ? 2  DG  A C8    1 
ATOM   30  N N7    . DG  A 1 2  ? 11.473  8.821   -1.741  1.00 75.37  ? 2  DG  A N7    1 
ATOM   31  C C5    . DG  A 1 2  ? 12.031  7.770   -2.450  1.00 71.90  ? 2  DG  A C5    1 
ATOM   32  C C6    . DG  A 1 2  ? 12.509  6.512   -2.004  1.00 77.78  ? 2  DG  A C6    1 
ATOM   33  O O6    . DG  A 1 2  ? 12.526  6.056   -0.853  1.00 85.21  ? 2  DG  A O6    1 
ATOM   34  N N1    . DG  A 1 2  ? 13.002  5.749   -3.058  1.00 74.51  ? 2  DG  A N1    1 
ATOM   35  C C2    . DG  A 1 2  ? 13.024  6.143   -4.373  1.00 80.41  ? 2  DG  A C2    1 
ATOM   36  N N2    . DG  A 1 2  ? 13.529  5.260   -5.244  1.00 83.39  ? 2  DG  A N2    1 
ATOM   37  N N3    . DG  A 1 2  ? 12.578  7.312   -4.802  1.00 78.30  ? 2  DG  A N3    1 
ATOM   38  C C4    . DG  A 1 2  ? 12.099  8.070   -3.795  1.00 73.65  ? 2  DG  A C4    1 
ATOM   39  P P     . DC  A 1 3  ? 7.597   10.666  -7.522  1.00 93.95  ? 3  DC  A P     1 
ATOM   40  O OP1   . DC  A 1 3  ? 7.201   11.254  -8.830  1.00 99.28  ? 3  DC  A OP1   1 
ATOM   41  O OP2   . DC  A 1 3  ? 6.585   10.421  -6.473  1.00 80.46  ? 3  DC  A OP2   1 
ATOM   42  O "O5'" . DC  A 1 3  ? 8.329   9.285   -7.768  1.00 85.36  ? 3  DC  A "O5'" 1 
ATOM   43  C "C5'" . DC  A 1 3  ? 8.985   8.992   -9.003  1.00 83.39  ? 3  DC  A "C5'" 1 
ATOM   44  C "C4'" . DC  A 1 3  ? 9.290   7.517   -9.033  1.00 83.40  ? 3  DC  A "C4'" 1 
ATOM   45  O "O4'" . DC  A 1 3  ? 9.902   7.160   -7.782  1.00 79.60  ? 3  DC  A "O4'" 1 
ATOM   46  C "C3'" . DC  A 1 3  ? 8.043   6.653   -9.164  1.00 81.68  ? 3  DC  A "C3'" 1 
ATOM   47  O "O3'" . DC  A 1 3  ? 8.012   6.075   -10.458 1.00 80.86  ? 3  DC  A "O3'" 1 
ATOM   48  C "C2'" . DC  A 1 3  ? 8.189   5.575   -8.100  1.00 81.61  ? 3  DC  A "C2'" 1 
ATOM   49  C "C1'" . DC  A 1 3  ? 9.452   5.906   -7.333  1.00 75.52  ? 3  DC  A "C1'" 1 
ATOM   50  N N1    . DC  A 1 3  ? 9.291   5.986   -5.878  1.00 72.21  ? 3  DC  A N1    1 
ATOM   51  C C2    . DC  A 1 3  ? 9.873   4.977   -5.084  1.00 75.19  ? 3  DC  A C2    1 
ATOM   52  O O2    . DC  A 1 3  ? 10.480  4.019   -5.635  1.00 82.37  ? 3  DC  A O2    1 
ATOM   53  N N3    . DC  A 1 3  ? 9.773   5.064   -3.738  1.00 74.44  ? 3  DC  A N3    1 
ATOM   54  C C4    . DC  A 1 3  ? 9.125   6.114   -3.183  1.00 75.58  ? 3  DC  A C4    1 
ATOM   55  N N4    . DC  A 1 3  ? 9.045   6.158   -1.852  1.00 77.56  ? 3  DC  A N4    1 
ATOM   56  C C5    . DC  A 1 3  ? 8.536   7.165   -3.969  1.00 73.76  ? 3  DC  A C5    1 
ATOM   57  C C6    . DC  A 1 3  ? 8.640   7.063   -5.300  1.00 73.05  ? 3  DC  A C6    1 
ATOM   58  P P     . DA  A 1 4  ? 6.770   5.233   -10.891 1.00 90.31  ? 4  DA  A P     1 
ATOM   59  O OP1   . DA  A 1 4  ? 6.775   5.152   -12.366 1.00 90.84  ? 4  DA  A OP1   1 
ATOM   60  O OP2   . DA  A 1 4  ? 5.582   5.769   -10.176 1.00 84.53  ? 4  DA  A OP2   1 
ATOM   61  O "O5'" . DA  A 1 4  ? 7.079   3.792   -10.290 1.00 88.80  ? 4  DA  A "O5'" 1 
ATOM   62  C "C5'" . DA  A 1 4  ? 8.136   2.978   -10.824 1.00 87.66  ? 4  DA  A "C5'" 1 
ATOM   63  C "C4'" . DA  A 1 4  ? 8.072   1.593   -10.226 1.00 85.48  ? 4  DA  A "C4'" 1 
ATOM   64  O "O4'" . DA  A 1 4  ? 8.275   1.662   -8.791  1.00 83.10  ? 4  DA  A "O4'" 1 
ATOM   65  C "C3'" . DA  A 1 4  ? 6.740   0.879   -10.429 1.00 81.98  ? 4  DA  A "C3'" 1 
ATOM   66  O "O3'" . DA  A 1 4  ? 6.986   -0.488  -10.751 1.00 84.25  ? 4  DA  A "O3'" 1 
ATOM   67  C "C2'" . DA  A 1 4  ? 6.024   1.084   -9.103  1.00 77.86  ? 4  DA  A "C2'" 1 
ATOM   68  C "C1'" . DA  A 1 4  ? 7.165   1.107   -8.102  1.00 76.27  ? 4  DA  A "C1'" 1 
ATOM   69  N N9    . DA  A 1 4  ? 6.926   1.929   -6.914  1.00 70.68  ? 4  DA  A N9    1 
ATOM   70  C C8    . DA  A 1 4  ? 6.409   3.208   -6.864  1.00 70.08  ? 4  DA  A C8    1 
ATOM   71  N N7    . DA  A 1 4  ? 6.348   3.703   -5.652  1.00 63.48  ? 4  DA  A N7    1 
ATOM   72  C C5    . DA  A 1 4  ? 6.873   2.692   -4.853  1.00 62.72  ? 4  DA  A C5    1 
ATOM   73  C C6    . DA  A 1 4  ? 7.096   2.600   -3.467  1.00 63.77  ? 4  DA  A C6    1 
ATOM   74  N N6    . DA  A 1 4  ? 6.797   3.576   -2.606  1.00 69.01  ? 4  DA  A N6    1 
ATOM   75  N N1    . DA  A 1 4  ? 7.619   1.445   -2.986  1.00 64.37  ? 4  DA  A N1    1 
ATOM   76  C C2    . DA  A 1 4  ? 7.926   0.467   -3.851  1.00 72.02  ? 4  DA  A C2    1 
ATOM   77  N N3    . DA  A 1 4  ? 7.786   0.444   -5.177  1.00 68.65  ? 4  DA  A N3    1 
ATOM   78  C C4    . DA  A 1 4  ? 7.242   1.596   -5.619  1.00 64.52  ? 4  DA  A C4    1 
ATOM   79  P P     . DA  A 1 5  ? 5.788   -1.515  -10.811 1.00 97.29  ? 5  DA  A P     1 
ATOM   80  O OP1   . DA  A 1 5  ? 6.135   -2.567  -11.796 1.00 97.85  ? 5  DA  A OP1   1 
ATOM   81  O OP2   . DA  A 1 5  ? 4.534   -0.742  -10.983 1.00 94.20  ? 5  DA  A OP2   1 
ATOM   82  O "O5'" . DA  A 1 5  ? 5.833   -2.187  -9.365  1.00 100.66 ? 5  DA  A "O5'" 1 
ATOM   83  C "C5'" . DA  A 1 5  ? 7.098   -2.605  -8.803  1.00 96.88  ? 5  DA  A "C5'" 1 
ATOM   84  C "C4'" . DA  A 1 5  ? 6.889   -3.535  -7.631  1.00 92.54  ? 5  DA  A "C4'" 1 
ATOM   85  O "O4'" . DA  A 1 5  ? 6.735   -2.761  -6.421  1.00 92.61  ? 5  DA  A "O4'" 1 
ATOM   86  C "C3'" . DA  A 1 5  ? 5.653   -4.422  -7.718  1.00 91.77  ? 5  DA  A "C3'" 1 
ATOM   87  O "O3'" . DA  A 1 5  ? 5.966   -5.706  -7.179  1.00 94.03  ? 5  DA  A "O3'" 1 
ATOM   88  C "C2'" . DA  A 1 5  ? 4.618   -3.661  -6.911  1.00 85.69  ? 5  DA  A "C2'" 1 
ATOM   89  C "C1'" . DA  A 1 5  ? 5.450   -2.972  -5.849  1.00 82.47  ? 5  DA  A "C1'" 1 
ATOM   90  N N9    . DA  A 1 5  ? 4.933   -1.667  -5.437  1.00 79.53  ? 5  DA  A N9    1 
ATOM   91  C C8    . DA  A 1 5  ? 4.367   -0.696  -6.232  1.00 82.09  ? 5  DA  A C8    1 
ATOM   92  N N7    . DA  A 1 5  ? 4.060   0.402   -5.586  1.00 73.40  ? 5  DA  A N7    1 
ATOM   93  C C5    . DA  A 1 5  ? 4.460   0.145   -4.283  1.00 70.81  ? 5  DA  A C5    1 
ATOM   94  C C6    . DA  A 1 5  ? 4.402   0.910   -3.113  1.00 73.58  ? 5  DA  A C6    1 
ATOM   95  N N6    . DA  A 1 5  ? 3.892   2.144   -3.064  1.00 72.55  ? 5  DA  A N6    1 
ATOM   96  N N1    . DA  A 1 5  ? 4.884   0.360   -1.975  1.00 80.43  ? 5  DA  A N1    1 
ATOM   97  C C2    . DA  A 1 5  ? 5.401   -0.877  -2.027  1.00 77.59  ? 5  DA  A C2    1 
ATOM   98  N N3    . DA  A 1 5  ? 5.511   -1.697  -3.070  1.00 69.37  ? 5  DA  A N3    1 
ATOM   99  C C4    . DA  A 1 5  ? 5.010   -1.123  -4.178  1.00 71.49  ? 5  DA  A C4    1 
ATOM   100 P P     . DA  A 1 6  ? 4.826   -6.795  -6.990  1.00 104.25 ? 6  DA  A P     1 
ATOM   101 O OP1   . DA  A 1 6  ? 5.367   -8.101  -7.435  1.00 103.42 ? 6  DA  A OP1   1 
ATOM   102 O OP2   . DA  A 1 6  ? 3.575   -6.272  -7.600  1.00 103.22 ? 6  DA  A OP2   1 
ATOM   103 O "O5'" . DA  A 1 6  ? 4.662   -6.846  -5.409  1.00 97.22  ? 6  DA  A "O5'" 1 
ATOM   104 C "C5'" . DA  A 1 6  ? 5.812   -6.679  -4.558  1.00 100.58 ? 6  DA  A "C5'" 1 
ATOM   105 C "C4'" . DA  A 1 6  ? 5.398   -6.704  -3.107  1.00 98.56  ? 6  DA  A "C4'" 1 
ATOM   106 O "O4'" . DA  A 1 6  ? 4.920   -5.395  -2.706  1.00 98.32  ? 6  DA  A "O4'" 1 
ATOM   107 C "C3'" . DA  A 1 6  ? 4.266   -7.675  -2.784  1.00 96.77  ? 6  DA  A "C3'" 1 
ATOM   108 O "O3'" . DA  A 1 6  ? 4.547   -8.264  -1.513  1.00 93.30  ? 6  DA  A "O3'" 1 
ATOM   109 C "C2'" . DA  A 1 6  ? 3.032   -6.787  -2.801  1.00 95.79  ? 6  DA  A "C2'" 1 
ATOM   110 C "C1'" . DA  A 1 6  ? 3.571   -5.483  -2.249  1.00 89.84  ? 6  DA  A "C1'" 1 
ATOM   111 N N9    . DA  A 1 6  ? 2.873   -4.272  -2.688  1.00 78.80  ? 6  DA  A N9    1 
ATOM   112 C C8    . DA  A 1 6  ? 2.430   -3.957  -3.949  1.00 77.58  ? 6  DA  A C8    1 
ATOM   113 N N7    . DA  A 1 6  ? 1.899   -2.761  -4.039  1.00 70.30  ? 6  DA  A N7    1 
ATOM   114 C C5    . DA  A 1 6  ? 2.028   -2.243  -2.759  1.00 69.11  ? 6  DA  A C5    1 
ATOM   115 C C6    . DA  A 1 6  ? 1.666   -1.006  -2.201  1.00 71.15  ? 6  DA  A C6    1 
ATOM   116 N N6    . DA  A 1 6  ? 1.074   -0.031  -2.890  1.00 73.09  ? 6  DA  A N6    1 
ATOM   117 N N1    . DA  A 1 6  ? 1.910   -0.813  -0.885  1.00 76.52  ? 6  DA  A N1    1 
ATOM   118 C C2    . DA  A 1 6  ? 2.506   -1.795  -0.194  1.00 83.58  ? 6  DA  A C2    1 
ATOM   119 N N3    . DA  A 1 6  ? 2.902   -2.998  -0.612  1.00 83.75  ? 6  DA  A N3    1 
ATOM   120 C C4    . DA  A 1 6  ? 2.631   -3.160  -1.918  1.00 74.83  ? 6  DA  A C4    1 
ATOM   121 P P     . DA  A 1 7  ? 3.385   -8.906  -0.661  1.00 102.72 ? 7  DA  A P     1 
ATOM   122 O OP1   . DA  A 1 7  ? 3.967   -9.994  0.158   1.00 104.33 ? 7  DA  A OP1   1 
ATOM   123 O OP2   . DA  A 1 7  ? 2.247   -9.195  -1.577  1.00 99.81  ? 7  DA  A OP2   1 
ATOM   124 O "O5'" . DA  A 1 7  ? 2.987   -7.730  0.330   1.00 96.97  ? 7  DA  A "O5'" 1 
ATOM   125 C "C5'" . DA  A 1 7  ? 3.948   -7.201  1.253   1.00 92.91  ? 7  DA  A "C5'" 1 
ATOM   126 C "C4'" . DA  A 1 7  ? 3.241   -6.671  2.474   1.00 88.97  ? 7  DA  A "C4'" 1 
ATOM   127 O "O4'" . DA  A 1 7  ? 2.512   -5.472  2.120   1.00 86.03  ? 7  DA  A "O4'" 1 
ATOM   128 C "C3'" . DA  A 1 7  ? 2.205   -7.621  3.066   1.00 88.16  ? 7  DA  A "C3'" 1 
ATOM   129 O "O3'" . DA  A 1 7  ? 2.223   -7.465  4.494   1.00 88.50  ? 7  DA  A "O3'" 1 
ATOM   130 C "C2'" . DA  A 1 7  ? 0.914   -7.174  2.400   1.00 85.45  ? 7  DA  A "C2'" 1 
ATOM   131 C "C1'" . DA  A 1 7  ? 1.109   -5.679  2.296   1.00 81.97  ? 7  DA  A "C1'" 1 
ATOM   132 N N9    . DA  A 1 7  ? 0.430   -5.032  1.181   1.00 78.53  ? 7  DA  A N9    1 
ATOM   133 C C8    . DA  A 1 7  ? 0.236   -5.494  -0.100  1.00 74.09  ? 7  DA  A C8    1 
ATOM   134 N N7    . DA  A 1 7  ? -0.335  -4.620  -0.893  1.00 68.01  ? 7  DA  A N7    1 
ATOM   135 C C5    . DA  A 1 7  ? -0.494  -3.497  -0.094  1.00 73.38  ? 7  DA  A C5    1 
ATOM   136 C C6    . DA  A 1 7  ? -1.022  -2.224  -0.348  1.00 78.64  ? 7  DA  A C6    1 
ATOM   137 N N6    . DA  A 1 7  ? -1.522  -1.851  -1.527  1.00 78.02  ? 7  DA  A N6    1 
ATOM   138 N N1    . DA  A 1 7  ? -1.032  -1.334  0.668   1.00 83.82  ? 7  DA  A N1    1 
ATOM   139 C C2    . DA  A 1 7  ? -0.528  -1.704  1.850   1.00 90.12  ? 7  DA  A C2    1 
ATOM   140 N N3    . DA  A 1 7  ? -0.001  -2.871  2.211   1.00 85.19  ? 7  DA  A N3    1 
ATOM   141 C C4    . DA  A 1 7  ? -0.012  -3.733  1.181   1.00 78.47  ? 7  DA  A C4    1 
ATOM   142 P P     . DA  A 1 8  ? 1.000   -7.967  5.397   1.00 86.88  ? 8  DA  A P     1 
ATOM   143 O OP1   . DA  A 1 8  ? 1.556   -8.465  6.678   1.00 94.22  ? 8  DA  A OP1   1 
ATOM   144 O OP2   . DA  A 1 8  ? 0.149   -8.865  4.577   1.00 82.54  ? 8  DA  A OP2   1 
ATOM   145 O "O5'" . DA  A 1 8  ? 0.239   -6.613  5.735   1.00 78.27  ? 8  DA  A "O5'" 1 
ATOM   146 C "C5'" . DA  A 1 8  ? 0.965   -5.505  6.296   1.00 77.04  ? 8  DA  A "C5'" 1 
ATOM   147 C "C4'" . DA  A 1 8  ? 0.011   -4.425  6.745   1.00 82.46  ? 8  DA  A "C4'" 1 
ATOM   148 O "O4'" . DA  A 1 8  ? -0.574  -3.785  5.581   1.00 87.20  ? 8  DA  A "O4'" 1 
ATOM   149 C "C3'" . DA  A 1 8  ? -1.163  -4.912  7.601   1.00 79.00  ? 8  DA  A "C3'" 1 
ATOM   150 O "O3'" . DA  A 1 8  ? -1.356  -4.022  8.717   1.00 73.34  ? 8  DA  A "O3'" 1 
ATOM   151 C "C2'" . DA  A 1 8  ? -2.312  -4.981  6.606   1.00 77.79  ? 8  DA  A "C2'" 1 
ATOM   152 C "C1'" . DA  A 1 8  ? -1.988  -3.844  5.648   1.00 79.89  ? 8  DA  A "C1'" 1 
ATOM   153 N N9    . DA  A 1 8  ? -2.496  -4.014  4.285   1.00 77.48  ? 8  DA  A N9    1 
ATOM   154 C C8    . DA  A 1 8  ? -2.419  -5.136  3.499   1.00 72.84  ? 8  DA  A C8    1 
ATOM   155 N N7    . DA  A 1 8  ? -2.958  -4.987  2.311   1.00 69.03  ? 8  DA  A N7    1 
ATOM   156 C C5    . DA  A 1 8  ? -3.411  -3.675  2.311   1.00 69.24  ? 8  DA  A C5    1 
ATOM   157 C C6    . DA  A 1 8  ? -4.075  -2.904  1.338   1.00 73.96  ? 8  DA  A C6    1 
ATOM   158 N N6    . DA  A 1 8  ? -4.412  -3.367  0.134   1.00 72.93  ? 8  DA  A N6    1 
ATOM   159 N N1    . DA  A 1 8  ? -4.392  -1.627  1.653   1.00 79.32  ? 8  DA  A N1    1 
ATOM   160 C C2    . DA  A 1 8  ? -4.057  -1.167  2.868   1.00 83.64  ? 8  DA  A C2    1 
ATOM   161 N N3    . DA  A 1 8  ? -3.425  -1.795  3.865   1.00 81.00  ? 8  DA  A N3    1 
ATOM   162 C C4    . DA  A 1 8  ? -3.134  -3.062  3.519   1.00 74.40  ? 8  DA  A C4    1 
ATOM   163 P P     . DA  A 1 9  ? -2.773  -3.941  9.463   1.00 87.62  ? 9  DA  A P     1 
ATOM   164 O OP1   . DA  A 1 9  ? -2.547  -3.405  10.828  1.00 81.36  ? 9  DA  A OP1   1 
ATOM   165 O OP2   . DA  A 1 9  ? -3.473  -5.241  9.278   1.00 82.06  ? 9  DA  A OP2   1 
ATOM   166 O "O5'" . DA  A 1 9  ? -3.549  -2.829  8.635   1.00 88.44  ? 9  DA  A "O5'" 1 
ATOM   167 C "C5'" . DA  A 1 9  ? -2.923  -1.568  8.349   1.00 91.05  ? 9  DA  A "C5'" 1 
ATOM   168 C "C4'" . DA  A 1 9  ? -3.974  -0.517  8.087   1.00 88.10  ? 9  DA  A "C4'" 1 
ATOM   169 O "O4'" . DA  A 1 9  ? -4.511  -0.669  6.749   1.00 84.58  ? 9  DA  A "O4'" 1 
ATOM   170 C "C3'" . DA  A 1 9  ? -5.171  -0.584  9.024   1.00 84.32  ? 9  DA  A "C3'" 1 
ATOM   171 O "O3'" . DA  A 1 9  ? -5.559  0.750   9.333   1.00 80.48  ? 9  DA  A "O3'" 1 
ATOM   172 C "C2'" . DA  A 1 9  ? -6.191  -1.385  8.230   1.00 79.40  ? 9  DA  A "C2'" 1 
ATOM   173 C "C1'" . DA  A 1 9  ? -5.903  -0.964  6.798   1.00 77.17  ? 9  DA  A "C1'" 1 
ATOM   174 N N9    . DA  A 1 9  ? -6.165  -1.983  5.788   1.00 70.39  ? 9  DA  A N9    1 
ATOM   175 C C8    . DA  A 1 9  ? -5.791  -3.301  5.830   1.00 69.53  ? 9  DA  A C8    1 
ATOM   176 N N7    . DA  A 1 9  ? -6.087  -3.968  4.742   1.00 70.21  ? 9  DA  A N7    1 
ATOM   177 C C5    . DA  A 1 9  ? -6.652  -3.014  3.910   1.00 69.19  ? 9  DA  A C5    1 
ATOM   178 C C6    . DA  A 1 9  ? -7.167  -3.088  2.609   1.00 69.24  ? 9  DA  A C6    1 
ATOM   179 N N6    . DA  A 1 9  ? -7.194  -4.209  1.892   1.00 68.85  ? 9  DA  A N6    1 
ATOM   180 N N1    . DA  A 1 9  ? -7.659  -1.954  2.061   1.00 71.21  ? 9  DA  A N1    1 
ATOM   181 C C2    . DA  A 1 9  ? -7.636  -0.829  2.789   1.00 77.61  ? 9  DA  A C2    1 
ATOM   182 N N3    . DA  A 1 9  ? -7.169  -0.635  4.023   1.00 74.89  ? 9  DA  A N3    1 
ATOM   183 C C4    . DA  A 1 9  ? -6.686  -1.781  4.533   1.00 70.11  ? 9  DA  A C4    1 
ATOM   184 P P     . DG  A 1 10 ? -6.876  1.013   10.128  1.00 90.41  ? 10 DG  A P     1 
ATOM   185 O OP1   . DG  A 1 10 ? -6.861  2.428   10.576  1.00 95.63  ? 10 DG  A OP1   1 
ATOM   186 O OP2   . DG  A 1 10 ? -7.053  -0.085  11.107  1.00 80.96  ? 10 DG  A OP2   1 
ATOM   187 O "O5'" . DG  A 1 10 ? -7.998  0.842   9.023   1.00 86.83  ? 10 DG  A "O5'" 1 
ATOM   188 C "C5'" . DG  A 1 10 ? -8.400  1.938   8.212   1.00 82.59  ? 10 DG  A "C5'" 1 
ATOM   189 C "C4'" . DG  A 1 10 ? -9.732  1.613   7.591   1.00 84.13  ? 10 DG  A "C4'" 1 
ATOM   190 O "O4'" . DG  A 1 10 ? -9.574  0.473   6.706   1.00 86.41  ? 10 DG  A "O4'" 1 
ATOM   191 C "C3'" . DG  A 1 10 ? -10.812 1.192   8.594   1.00 81.32  ? 10 DG  A "C3'" 1 
ATOM   192 O "O3'" . DG  A 1 10 ? -12.092 1.506   8.048   1.00 82.44  ? 10 DG  A "O3'" 1 
ATOM   193 C "C2'" . DG  A 1 10 ? -10.746 -0.315  8.539   1.00 80.48  ? 10 DG  A "C2'" 1 
ATOM   194 C "C1'" . DG  A 1 10 ? -10.565 -0.469  7.063   1.00 80.76  ? 10 DG  A "C1'" 1 
ATOM   195 N N9    . DG  A 1 10 ? -10.191 -1.773  6.540   1.00 77.32  ? 10 DG  A N9    1 
ATOM   196 C C8    . DG  A 1 10 ? -9.813  -2.890  7.246   1.00 76.46  ? 10 DG  A C8    1 
ATOM   197 N N7    . DG  A 1 10 ? -9.675  -3.948  6.492   1.00 74.99  ? 10 DG  A N7    1 
ATOM   198 C C5    . DG  A 1 10 ? -10.048 -3.516  5.228   1.00 78.46  ? 10 DG  A C5    1 
ATOM   199 C C6    . DG  A 1 10 ? -10.100 -4.214  4.000   1.00 80.27  ? 10 DG  A C6    1 
ATOM   200 O O6    . DG  A 1 10 ? -9.840  -5.406  3.774   1.00 83.98  ? 10 DG  A O6    1 
ATOM   201 N N1    . DG  A 1 10 ? -10.518 -3.388  2.962   1.00 76.67  ? 10 DG  A N1    1 
ATOM   202 C C2    . DG  A 1 10 ? -10.849 -2.064  3.089   1.00 77.74  ? 10 DG  A C2    1 
ATOM   203 N N2    . DG  A 1 10 ? -11.234 -1.440  1.965   1.00 79.05  ? 10 DG  A N2    1 
ATOM   204 N N3    . DG  A 1 10 ? -10.808 -1.402  4.228   1.00 77.18  ? 10 DG  A N3    1 
ATOM   205 C C4    . DG  A 1 10 ? -10.395 -2.183  5.249   1.00 78.88  ? 10 DG  A C4    1 
ATOM   206 P P     . DC  A 1 11 ? -12.955 2.667   8.649   1.00 92.00  ? 11 DC  A P     1 
ATOM   207 O OP1   . DC  A 1 11 ? -12.036 3.604   9.341   1.00 94.15  ? 11 DC  A OP1   1 
ATOM   208 O OP2   . DC  A 1 11 ? -14.105 2.059   9.377   1.00 78.02  ? 11 DC  A OP2   1 
ATOM   209 O "O5'" . DC  A 1 11 ? -13.552 3.385   7.356   1.00 93.06  ? 11 DC  A "O5'" 1 
ATOM   210 C "C5'" . DC  A 1 11 ? -12.815 3.448   6.119   1.00 91.56  ? 11 DC  A "C5'" 1 
ATOM   211 C "C4'" . DC  A 1 11 ? -13.752 3.346   4.934   1.00 91.40  ? 11 DC  A "C4'" 1 
ATOM   212 O "O4'" . DC  A 1 11 ? -13.700 2.005   4.392   1.00 92.29  ? 11 DC  A "O4'" 1 
ATOM   213 C "C3'" . DC  A 1 11 ? -15.226 3.616   5.228   1.00 92.18  ? 11 DC  A "C3'" 1 
ATOM   214 O "O3'" . DC  A 1 11 ? -15.805 4.268   4.088   1.00 92.34  ? 11 DC  A "O3'" 1 
ATOM   215 C "C2'" . DC  A 1 11 ? -15.789 2.225   5.476   1.00 89.82  ? 11 DC  A "C2'" 1 
ATOM   216 C "C1'" . DC  A 1 11 ? -14.952 1.344   4.548   1.00 84.32  ? 11 DC  A "C1'" 1 
ATOM   217 N N1    . DC  A 1 11 ? -14.667 -0.019  5.028   1.00 80.35  ? 11 DC  A N1    1 
ATOM   218 C C2    . DC  A 1 11 ? -14.435 -1.024  4.076   1.00 76.95  ? 11 DC  A C2    1 
ATOM   219 O O2    . DC  A 1 11 ? -14.609 -0.773  2.871   1.00 79.22  ? 11 DC  A O2    1 
ATOM   220 N N3    . DC  A 1 11 ? -14.085 -2.256  4.496   1.00 74.57  ? 11 DC  A N3    1 
ATOM   221 C C4    . DC  A 1 11 ? -13.896 -2.492  5.795   1.00 81.58  ? 11 DC  A C4    1 
ATOM   222 N N4    . DC  A 1 11 ? -13.548 -3.731  6.155   1.00 89.26  ? 11 DC  A N4    1 
ATOM   223 C C5    . DC  A 1 11 ? -14.077 -1.476  6.785   1.00 87.06  ? 11 DC  A C5    1 
ATOM   224 C C6    . DC  A 1 11 ? -14.436 -0.256  6.357   1.00 88.55  ? 11 DC  A C6    1 
ATOM   225 P P     . DG  A 1 12 ? -17.169 5.078   4.218   1.00 95.62  ? 12 DG  A P     1 
ATOM   226 O OP1   . DG  A 1 12 ? -17.190 6.104   3.142   1.00 84.62  ? 12 DG  A OP1   1 
ATOM   227 O OP2   . DG  A 1 12 ? -17.347 5.478   5.634   1.00 92.66  ? 12 DG  A OP2   1 
ATOM   228 O "O5'" . DG  A 1 12 ? -18.265 3.976   3.887   1.00 95.82  ? 12 DG  A "O5'" 1 
ATOM   229 C "C5'" . DG  A 1 12 ? -18.447 3.533   2.533   1.00 98.61  ? 12 DG  A "C5'" 1 
ATOM   230 C "C4'" . DG  A 1 12 ? -19.496 2.449   2.453   1.00 93.56  ? 12 DG  A "C4'" 1 
ATOM   231 O "O4'" . DG  A 1 12 ? -18.859 1.160   2.461   1.00 91.55  ? 12 DG  A "O4'" 1 
ATOM   232 C "C3'" . DG  A 1 12 ? -20.487 2.400   3.602   1.00 93.65  ? 12 DG  A "C3'" 1 
ATOM   233 O "O3'" . DG  A 1 12 ? -21.582 3.289   3.391   1.00 103.94 ? 12 DG  A "O3'" 1 
ATOM   234 C "C2'" . DG  A 1 12 ? -20.949 0.959   3.576   1.00 92.76  ? 12 DG  A "C2'" 1 
ATOM   235 C "C1'" . DG  A 1 12 ? -19.731 0.197   3.041   1.00 87.27  ? 12 DG  A "C1'" 1 
ATOM   236 N N9    . DG  A 1 12 ? -18.983 -0.537  4.057   1.00 81.86  ? 12 DG  A N9    1 
ATOM   237 C C8    . DG  A 1 12 ? -18.731 -0.146  5.351   1.00 80.18  ? 12 DG  A C8    1 
ATOM   238 N N7    . DG  A 1 12 ? -18.054 -1.032  6.030   1.00 77.27  ? 12 DG  A N7    1 
ATOM   239 C C5    . DG  A 1 12 ? -17.861 -2.075  5.134   1.00 70.78  ? 12 DG  A C5    1 
ATOM   240 C C6    . DG  A 1 12 ? -17.206 -3.316  5.304   1.00 69.43  ? 12 DG  A C6    1 
ATOM   241 O O6    . DG  A 1 12 ? -16.642 -3.756  6.308   1.00 79.59  ? 12 DG  A O6    1 
ATOM   242 N N1    . DG  A 1 12 ? -17.248 -4.080  4.143   1.00 71.06  ? 12 DG  A N1    1 
ATOM   243 C C2    . DG  A 1 12 ? -17.832 -3.692  2.964   1.00 75.90  ? 12 DG  A C2    1 
ATOM   244 N N2    . DG  A 1 12 ? -17.758 -4.565  1.950   1.00 77.23  ? 12 DG  A N2    1 
ATOM   245 N N3    . DG  A 1 12 ? -18.449 -2.535  2.793   1.00 73.76  ? 12 DG  A N3    1 
ATOM   246 C C4    . DG  A 1 12 ? -18.430 -1.785  3.914   1.00 74.76  ? 12 DG  A C4    1 
ATOM   247 O "O5'" . DC  B 2 1  ? -17.611 -14.131 4.787   1.00 138.78 ? 13 DC  B "O5'" 1 
ATOM   248 C "C5'" . DC  B 2 1  ? -16.407 -13.595 4.197   1.00 129.97 ? 13 DC  B "C5'" 1 
ATOM   249 C "C4'" . DC  B 2 1  ? -16.759 -12.706 3.027   1.00 121.62 ? 13 DC  B "C4'" 1 
ATOM   250 O "O4'" . DC  B 2 1  ? -17.114 -11.389 3.508   1.00 109.08 ? 13 DC  B "O4'" 1 
ATOM   251 C "C3'" . DC  B 2 1  ? -15.638 -12.479 2.019   1.00 112.05 ? 13 DC  B "C3'" 1 
ATOM   252 O "O3'" . DC  B 2 1  ? -16.256 -12.270 0.746   1.00 116.49 ? 13 DC  B "O3'" 1 
ATOM   253 C "C2'" . DC  B 2 1  ? -15.015 -11.186 2.499   1.00 101.50 ? 13 DC  B "C2'" 1 
ATOM   254 C "C1'" . DC  B 2 1  ? -16.249 -10.425 2.930   1.00 94.32  ? 13 DC  B "C1'" 1 
ATOM   255 N N1    . DC  B 2 1  ? -16.045 -9.366  3.914   1.00 81.57  ? 13 DC  B N1    1 
ATOM   256 C C2    . DC  B 2 1  ? -16.598 -8.107  3.660   1.00 80.60  ? 13 DC  B C2    1 
ATOM   257 O O2    . DC  B 2 1  ? -17.185 -7.915  2.583   1.00 93.39  ? 13 DC  B O2    1 
ATOM   258 N N3    . DC  B 2 1  ? -16.464 -7.129  4.583   1.00 72.05  ? 13 DC  B N3    1 
ATOM   259 C C4    . DC  B 2 1  ? -15.829 -7.380  5.732   1.00 70.57  ? 13 DC  B C4    1 
ATOM   260 N N4    . DC  B 2 1  ? -15.715 -6.384  6.611   1.00 66.25  ? 13 DC  B N4    1 
ATOM   261 C C5    . DC  B 2 1  ? -15.286 -8.665  6.032   1.00 76.22  ? 13 DC  B C5    1 
ATOM   262 C C6    . DC  B 2 1  ? -15.427 -9.623  5.108   1.00 78.34  ? 13 DC  B C6    1 
ATOM   263 P P     . DG  B 2 2  ? -15.485 -12.615 -0.591  1.00 133.83 ? 14 DG  B P     1 
ATOM   264 O OP1   . DG  B 2 2  ? -16.395 -13.422 -1.447  1.00 135.98 ? 14 DG  B OP1   1 
ATOM   265 O OP2   . DG  B 2 2  ? -14.137 -13.137 -0.234  1.00 141.75 ? 14 DG  B OP2   1 
ATOM   266 O "O5'" . DG  B 2 2  ? -15.313 -11.192 -1.277  1.00 125.97 ? 14 DG  B "O5'" 1 
ATOM   267 C "C5'" . DG  B 2 2  ? -16.464 -10.446 -1.690  1.00 111.83 ? 14 DG  B "C5'" 1 
ATOM   268 C "C4'" . DG  B 2 2  ? -16.041 -9.122  -2.281  1.00 101.86 ? 14 DG  B "C4'" 1 
ATOM   269 O "O4'" . DG  B 2 2  ? -15.775 -8.173  -1.222  1.00 94.57  ? 14 DG  B "O4'" 1 
ATOM   270 C "C3'" . DG  B 2 2  ? -14.775 -9.163  -3.135  1.00 94.14  ? 14 DG  B "C3'" 1 
ATOM   271 O "O3'" . DG  B 2 2  ? -14.946 -8.305  -4.258  1.00 96.62  ? 14 DG  B "O3'" 1 
ATOM   272 C "C2'" . DG  B 2 2  ? -13.702 -8.647  -2.199  1.00 84.55  ? 14 DG  B "C2'" 1 
ATOM   273 C "C1'" . DG  B 2 2  ? -14.469 -7.646  -1.355  1.00 82.28  ? 14 DG  B "C1'" 1 
ATOM   274 N N9    . DG  B 2 2  ? -13.940 -7.436  -0.014  1.00 73.95  ? 14 DG  B N9    1 
ATOM   275 C C8    . DG  B 2 2  ? -13.317 -8.368  0.780   1.00 77.26  ? 14 DG  B C8    1 
ATOM   276 N N7    . DG  B 2 2  ? -12.976 -7.899  1.948   1.00 77.54  ? 14 DG  B N7    1 
ATOM   277 C C5    . DG  B 2 2  ? -13.418 -6.586  1.933   1.00 71.19  ? 14 DG  B C5    1 
ATOM   278 C C6    . DG  B 2 2  ? -13.343 -5.581  2.929   1.00 77.84  ? 14 DG  B C6    1 
ATOM   279 O O6    . DG  B 2 2  ? -12.854 -5.653  4.070   1.00 84.47  ? 14 DG  B O6    1 
ATOM   280 N N1    . DG  B 2 2  ? -13.933 -4.398  2.504   1.00 72.15  ? 14 DG  B N1    1 
ATOM   281 C C2    . DG  B 2 2  ? -14.511 -4.197  1.281   1.00 70.64  ? 14 DG  B C2    1 
ATOM   282 N N2    . DG  B 2 2  ? -15.017 -2.969  1.065   1.00 73.63  ? 14 DG  B N2    1 
ATOM   283 N N3    . DG  B 2 2  ? -14.589 -5.125  0.340   1.00 63.48  ? 14 DG  B N3    1 
ATOM   284 C C4    . DG  B 2 2  ? -14.025 -6.286  0.732   1.00 67.90  ? 14 DG  B C4    1 
ATOM   285 P P     . DC  B 2 3  ? -13.897 -8.323  -5.423  1.00 102.31 ? 15 DC  B P     1 
ATOM   286 O OP1   . DC  B 2 3  ? -14.644 -8.351  -6.709  1.00 113.55 ? 15 DC  B OP1   1 
ATOM   287 O OP2   . DC  B 2 3  ? -12.896 -9.385  -5.126  1.00 112.58 ? 15 DC  B OP2   1 
ATOM   288 O "O5'" . DC  B 2 3  ? -13.203 -6.901  -5.284  1.00 95.07  ? 15 DC  B "O5'" 1 
ATOM   289 C "C5'" . DC  B 2 3  ? -13.897 -5.717  -5.699  1.00 88.16  ? 15 DC  B "C5'" 1 
ATOM   290 C "C4'" . DC  B 2 3  ? -13.647 -4.587  -4.728  1.00 83.49  ? 15 DC  B "C4'" 1 
ATOM   291 O "O4'" . DC  B 2 3  ? -13.402 -5.090  -3.412  1.00 83.55  ? 15 DC  B "O4'" 1 
ATOM   292 C "C3'" . DC  B 2 3  ? -12.435 -3.734  -5.049  1.00 77.74  ? 15 DC  B "C3'" 1 
ATOM   293 O "O3'" . DC  B 2 3  ? -12.848 -2.721  -5.948  1.00 72.97  ? 15 DC  B "O3'" 1 
ATOM   294 C "C2'" . DC  B 2 3  ? -12.013 -3.183  -3.693  1.00 76.08  ? 15 DC  B "C2'" 1 
ATOM   295 C "C1'" . DC  B 2 3  ? -12.686 -4.104  -2.676  1.00 78.13  ? 15 DC  B "C1'" 1 
ATOM   296 N N1    . DC  B 2 3  ? -11.810 -4.799  -1.718  1.00 78.63  ? 15 DC  B N1    1 
ATOM   297 C C2    . DC  B 2 3  ? -11.547 -4.179  -0.497  1.00 76.89  ? 15 DC  B C2    1 
ATOM   298 O O2    . DC  B 2 3  ? -11.955 -3.021  -0.309  1.00 73.33  ? 15 DC  B O2    1 
ATOM   299 N N3    . DC  B 2 3  ? -10.827 -4.838  0.435   1.00 74.63  ? 15 DC  B N3    1 
ATOM   300 C C4    . DC  B 2 3  ? -10.402 -6.079  0.199   1.00 81.10  ? 15 DC  B C4    1 
ATOM   301 N N4    . DC  B 2 3  ? -9.690  -6.687  1.154   1.00 82.62  ? 15 DC  B N4    1 
ATOM   302 C C5    . DC  B 2 3  ? -10.683 -6.752  -1.027  1.00 83.24  ? 15 DC  B C5    1 
ATOM   303 C C6    . DC  B 2 3  ? -11.401 -6.087  -1.944  1.00 81.24  ? 15 DC  B C6    1 
ATOM   304 P P     . DT  B 2 4  ? -11.784 -1.946  -6.787  1.00 86.31  ? 16 DT  B P     1 
ATOM   305 O OP1   . DT  B 2 4  ? -12.483 -1.320  -7.944  1.00 91.04  ? 16 DT  B OP1   1 
ATOM   306 O OP2   . DT  B 2 4  ? -10.629 -2.856  -7.013  1.00 80.15  ? 16 DT  B OP2   1 
ATOM   307 O "O5'" . DT  B 2 4  ? -11.358 -0.761  -5.815  1.00 76.59  ? 16 DT  B "O5'" 1 
ATOM   308 C "C5'" . DT  B 2 4  ? -12.293 0.272   -5.508  1.00 75.60  ? 16 DT  B "C5'" 1 
ATOM   309 C "C4'" . DT  B 2 4  ? -11.773 1.129   -4.380  1.00 78.43  ? 16 DT  B "C4'" 1 
ATOM   310 O "O4'" . DT  B 2 4  ? -11.337 0.298   -3.275  1.00 82.57  ? 16 DT  B "O4'" 1 
ATOM   311 C "C3'" . DT  B 2 4  ? -10.585 2.019   -4.743  1.00 76.95  ? 16 DT  B "C3'" 1 
ATOM   312 O "O3'" . DT  B 2 4  ? -10.835 3.346   -4.276  1.00 73.62  ? 16 DT  B "O3'" 1 
ATOM   313 C "C2'" . DT  B 2 4  ? -9.399  1.328   -4.085  1.00 78.59  ? 16 DT  B "C2'" 1 
ATOM   314 C "C1'" . DT  B 2 4  ? -10.025 0.666   -2.873  1.00 78.05  ? 16 DT  B "C1'" 1 
ATOM   315 N N1    . DT  B 2 4  ? -9.345  -0.560  -2.374  1.00 74.46  ? 16 DT  B N1    1 
ATOM   316 C C2    . DT  B 2 4  ? -9.152  -0.697  -1.015  1.00 75.89  ? 16 DT  B C2    1 
ATOM   317 O O2    . DT  B 2 4  ? -9.429  0.177   -0.212  1.00 85.30  ? 16 DT  B O2    1 
ATOM   318 N N3    . DT  B 2 4  ? -8.577  -1.884  -0.635  1.00 70.45  ? 16 DT  B N3    1 
ATOM   319 C C4    . DT  B 2 4  ? -8.245  -2.947  -1.453  1.00 70.57  ? 16 DT  B C4    1 
ATOM   320 O O4    . DT  B 2 4  ? -7.754  -3.959  -0.970  1.00 69.17  ? 16 DT  B O4    1 
ATOM   321 C C5    . DT  B 2 4  ? -8.491  -2.743  -2.863  1.00 71.73  ? 16 DT  B C5    1 
ATOM   322 C C7    . DT  B 2 4  ? -8.137  -3.832  -3.827  1.00 72.53  ? 16 DT  B C7    1 
ATOM   323 C C6    . DT  B 2 4  ? -9.040  -1.582  -3.244  1.00 69.85  ? 16 DT  B C6    1 
ATOM   324 P P     . DT  B 2 5  ? -9.766  4.480   -4.507  1.00 79.52  ? 17 DT  B P     1 
ATOM   325 O OP1   . DT  B 2 5  ? -10.489 5.752   -4.755  1.00 79.23  ? 17 DT  B OP1   1 
ATOM   326 O OP2   . DT  B 2 5  ? -8.788  3.983   -5.503  1.00 76.26  ? 17 DT  B OP2   1 
ATOM   327 O "O5'" . DT  B 2 5  ? -9.094  4.612   -3.072  1.00 79.91  ? 17 DT  B "O5'" 1 
ATOM   328 C "C5'" . DT  B 2 5  ? -9.935  4.778   -1.916  1.00 83.17  ? 17 DT  B "C5'" 1 
ATOM   329 C "C4'" . DT  B 2 5  ? -9.123  4.727   -0.644  1.00 77.61  ? 17 DT  B "C4'" 1 
ATOM   330 O "O4'" . DT  B 2 5  ? -8.567  3.406   -0.447  1.00 73.04  ? 17 DT  B "O4'" 1 
ATOM   331 C "C3'" . DT  B 2 5  ? -7.942  5.696   -0.589  1.00 76.47  ? 17 DT  B "C3'" 1 
ATOM   332 O "O3'" . DT  B 2 5  ? -7.987  6.415   0.650   1.00 74.05  ? 17 DT  B "O3'" 1 
ATOM   333 C "C2'" . DT  B 2 5  ? -6.728  4.795   -0.785  1.00 75.93  ? 17 DT  B "C2'" 1 
ATOM   334 C "C1'" . DT  B 2 5  ? -7.180  3.503   -0.155  1.00 74.73  ? 17 DT  B "C1'" 1 
ATOM   335 N N1    . DT  B 2 5  ? -6.535  2.260   -0.626  1.00 73.98  ? 17 DT  B N1    1 
ATOM   336 C C2    . DT  B 2 5  ? -6.100  1.359   0.323   1.00 75.31  ? 17 DT  B C2    1 
ATOM   337 O O2    . DT  B 2 5  ? -6.100  1.601   1.518   1.00 87.37  ? 17 DT  B O2    1 
ATOM   338 N N3    . DT  B 2 5  ? -5.619  0.179   -0.185  1.00 71.85  ? 17 DT  B N3    1 
ATOM   339 C C4    . DT  B 2 5  ? -5.591  -0.205  -1.513  1.00 73.39  ? 17 DT  B C4    1 
ATOM   340 O O4    . DT  B 2 5  ? -5.136  -1.299  -1.824  1.00 74.65  ? 17 DT  B O4    1 
ATOM   341 C C5    . DT  B 2 5  ? -6.107  0.770   -2.448  1.00 72.01  ? 17 DT  B C5    1 
ATOM   342 C C7    . DT  B 2 5  ? -6.098  0.448   -3.909  1.00 71.62  ? 17 DT  B C7    1 
ATOM   343 C C6    . DT  B 2 5  ? -6.565  1.930   -1.961  1.00 73.48  ? 17 DT  B C6    1 
ATOM   344 P P     . DT  B 2 6  ? -6.871  7.523   0.985   1.00 89.84  ? 18 DT  B P     1 
ATOM   345 O OP1   . DT  B 2 6  ? -7.472  8.514   1.911   1.00 84.59  ? 18 DT  B OP1   1 
ATOM   346 O OP2   . DT  B 2 6  ? -6.275  7.981   -0.287  1.00 81.76  ? 18 DT  B OP2   1 
ATOM   347 O "O5'" . DT  B 2 6  ? -5.785  6.684   1.784   1.00 80.24  ? 18 DT  B "O5'" 1 
ATOM   348 C "C5'" . DT  B 2 6  ? -6.226  5.708   2.738   1.00 82.11  ? 18 DT  B "C5'" 1 
ATOM   349 C "C4'" . DT  B 2 6  ? -5.061  5.120   3.493   1.00 80.75  ? 18 DT  B "C4'" 1 
ATOM   350 O "O4'" . DT  B 2 6  ? -4.636  3.888   2.852   1.00 83.79  ? 18 DT  B "O4'" 1 
ATOM   351 C "C3'" . DT  B 2 6  ? -3.816  6.010   3.593   1.00 78.26  ? 18 DT  B "C3'" 1 
ATOM   352 O "O3'" . DT  B 2 6  ? -3.345  5.990   4.948   1.00 76.66  ? 18 DT  B "O3'" 1 
ATOM   353 C "C2'" . DT  B 2 6  ? -2.862  5.396   2.579   1.00 82.10  ? 18 DT  B "C2'" 1 
ATOM   354 C "C1'" . DT  B 2 6  ? -3.239  3.922   2.615   1.00 80.29  ? 18 DT  B "C1'" 1 
ATOM   355 N N1    . DT  B 2 6  ? -2.962  3.146   1.371   1.00 76.05  ? 18 DT  B N1    1 
ATOM   356 C C2    . DT  B 2 6  ? -2.423  1.882   1.502   1.00 76.30  ? 18 DT  B C2    1 
ATOM   357 O O2    . DT  B 2 6  ? -2.164  1.379   2.582   1.00 79.02  ? 18 DT  B O2    1 
ATOM   358 N N3    . DT  B 2 6  ? -2.195  1.228   0.316   1.00 77.26  ? 18 DT  B N3    1 
ATOM   359 C C4    . DT  B 2 6  ? -2.464  1.690   -0.957  1.00 73.51  ? 18 DT  B C4    1 
ATOM   360 O O4    . DT  B 2 6  ? -2.212  0.982   -1.931  1.00 67.81  ? 18 DT  B O4    1 
ATOM   361 C C5    . DT  B 2 6  ? -3.034  3.020   -1.022  1.00 70.98  ? 18 DT  B C5    1 
ATOM   362 C C7    . DT  B 2 6  ? -3.357  3.606   -2.360  1.00 77.80  ? 18 DT  B C7    1 
ATOM   363 C C6    . DT  B 2 6  ? -3.253  3.671   0.129   1.00 70.58  ? 18 DT  B C6    1 
ATOM   364 P P     . DT  B 2 7  ? -2.002  6.753   5.364   1.00 88.21  ? 19 DT  B P     1 
ATOM   365 O OP1   . DT  B 2 7  ? -2.199  7.303   6.721   1.00 90.71  ? 19 DT  B OP1   1 
ATOM   366 O OP2   . DT  B 2 7  ? -1.614  7.660   4.255   1.00 91.88  ? 19 DT  B OP2   1 
ATOM   367 O "O5'" . DT  B 2 7  ? -0.946  5.567   5.492   1.00 81.18  ? 19 DT  B "O5'" 1 
ATOM   368 C "C5'" . DT  B 2 7  ? -1.192  4.514   6.430   1.00 78.27  ? 19 DT  B "C5'" 1 
ATOM   369 C "C4'" . DT  B 2 7  ? -0.304  3.318   6.172   1.00 83.17  ? 19 DT  B "C4'" 1 
ATOM   370 O "O4'" . DT  B 2 7  ? -0.402  2.832   4.809   1.00 85.61  ? 19 DT  B "O4'" 1 
ATOM   371 C "C3'" . DT  B 2 7  ? 1.191   3.522   6.443   1.00 88.32  ? 19 DT  B "C3'" 1 
ATOM   372 O "O3'" . DT  B 2 7  ? 1.631   2.483   7.313   1.00 91.36  ? 19 DT  B "O3'" 1 
ATOM   373 C "C2'" . DT  B 2 7  ? 1.831   3.408   5.065   1.00 83.91  ? 19 DT  B "C2'" 1 
ATOM   374 C "C1'" . DT  B 2 7  ? 0.896   2.444   4.382   1.00 84.41  ? 19 DT  B "C1'" 1 
ATOM   375 N N1    . DT  B 2 7  ? 0.912   2.426   2.892   1.00 77.67  ? 19 DT  B N1    1 
ATOM   376 C C2    . DT  B 2 7  ? 1.267   1.252   2.257   1.00 80.11  ? 19 DT  B C2    1 
ATOM   377 O O2    . DT  B 2 7  ? 1.607   0.244   2.855   1.00 93.04  ? 19 DT  B O2    1 
ATOM   378 N N3    . DT  B 2 7  ? 1.227   1.308   0.889   1.00 76.29  ? 19 DT  B N3    1 
ATOM   379 C C4    . DT  B 2 7  ? 0.857   2.388   0.112   1.00 73.17  ? 19 DT  B C4    1 
ATOM   380 O O4    . DT  B 2 7  ? 0.874   2.293   -1.108  1.00 76.17  ? 19 DT  B O4    1 
ATOM   381 C C5    . DT  B 2 7  ? 0.480   3.576   0.843   1.00 67.04  ? 19 DT  B C5    1 
ATOM   382 C C7    . DT  B 2 7  ? 0.061   4.793   0.080   1.00 69.15  ? 19 DT  B C7    1 
ATOM   383 C C6    . DT  B 2 7  ? 0.523   3.536   2.177   1.00 66.85  ? 19 DT  B C6    1 
ATOM   384 P P     . DT  B 2 8  ? 2.973   2.638   8.098   1.00 89.33  ? 20 DT  B P     1 
ATOM   385 O OP1   . DT  B 2 8  ? 2.722   2.239   9.506   1.00 97.65  ? 20 DT  B OP1   1 
ATOM   386 O OP2   . DT  B 2 8  ? 3.523   3.985   7.798   1.00 90.28  ? 20 DT  B OP2   1 
ATOM   387 O "O5'" . DT  B 2 8  ? 3.917   1.561   7.400   1.00 83.29  ? 20 DT  B "O5'" 1 
ATOM   388 C "C5'" . DT  B 2 8  ? 3.437   0.239   7.086   1.00 84.22  ? 20 DT  B "C5'" 1 
ATOM   389 C "C4'" . DT  B 2 8  ? 4.351   -0.416  6.078   1.00 88.78  ? 20 DT  B "C4'" 1 
ATOM   390 O "O4'" . DT  B 2 8  ? 3.951   -0.026  4.755   1.00 95.28  ? 20 DT  B "O4'" 1 
ATOM   391 C "C3'" . DT  B 2 8  ? 5.818   -0.017  6.202   1.00 92.44  ? 20 DT  B "C3'" 1 
ATOM   392 O "O3'" . DT  B 2 8  ? 6.467   -0.955  7.088   1.00 97.19  ? 20 DT  B "O3'" 1 
ATOM   393 C "C2'" . DT  B 2 8  ? 6.318   0.026   4.758   1.00 92.61  ? 20 DT  B "C2'" 1 
ATOM   394 C "C1'" . DT  B 2 8  ? 5.061   -0.059  3.881   1.00 87.53  ? 20 DT  B "C1'" 1 
ATOM   395 N N1    . DT  B 2 8  ? 4.891   1.041   2.898   1.00 81.61  ? 20 DT  B N1    1 
ATOM   396 C C2    . DT  B 2 8  ? 4.809   0.725   1.558   1.00 75.15  ? 20 DT  B C2    1 
ATOM   397 O O2    . DT  B 2 8  ? 4.945   -0.408  1.132   1.00 71.61  ? 20 DT  B O2    1 
ATOM   398 N N3    . DT  B 2 8  ? 4.596   1.796   0.730   1.00 75.58  ? 20 DT  B N3    1 
ATOM   399 C C4    . DT  B 2 8  ? 4.441   3.118   1.100   1.00 84.82  ? 20 DT  B C4    1 
ATOM   400 O O4    . DT  B 2 8  ? 4.261   3.976   0.241   1.00 83.06  ? 20 DT  B O4    1 
ATOM   401 C C5    . DT  B 2 8  ? 4.506   3.372   2.520   1.00 90.88  ? 20 DT  B C5    1 
ATOM   402 C C7    . DT  B 2 8  ? 4.339   4.775   3.015   1.00 101.01 ? 20 DT  B C7    1 
ATOM   403 C C6    . DT  B 2 8  ? 4.718   2.334   3.338   1.00 85.10  ? 20 DT  B C6    1 
HETATM 404 P P     . J4T B 2 9  ? 7.904   -1.586  6.729   1.00 103.83 ? 21 J4T B P     1 
HETATM 405 O OP1   . J4T B 2 9  ? 8.418   -2.331  7.934   1.00 103.75 ? 21 J4T B OP1   1 
HETATM 406 O "O5'" . J4T B 2 9  ? 7.577   -2.642  5.588   1.00 91.87  ? 21 J4T B "O5'" 1 
HETATM 407 C "C5'" . J4T B 2 9  ? 8.578   -3.556  5.193   1.00 90.66  ? 21 J4T B "C5'" 1 
HETATM 408 C "C4'" . J4T B 2 9  ? 8.684   -3.580  3.670   1.00 88.49  ? 21 J4T B "C4'" 1 
HETATM 409 C "C3'" . J4T B 2 9  ? 10.078  -3.353  3.207   1.00 89.36  ? 21 J4T B "C3'" 1 
HETATM 410 O "O3'" . J4T B 2 9  ? 10.820  -4.528  3.389   1.00 81.73  ? 21 J4T B "O3'" 1 
HETATM 411 C "C2'" . J4T B 2 9  ? 9.943   -2.926  1.757   1.00 93.19  ? 21 J4T B "C2'" 1 
HETATM 412 C "C1'" . J4T B 2 9  ? 8.565   -2.306  1.704   1.00 83.48  ? 21 J4T B "C1'" 1 
HETATM 413 O "O4'" . J4T B 2 9  ? 7.965   -2.540  3.002   1.00 89.53  ? 21 J4T B "O4'" 1 
HETATM 414 N N1    . J4T B 2 9  ? 8.504   -0.868  1.373   1.00 75.06  ? 21 J4T B N1    1 
HETATM 415 C C6    . J4T B 2 9  ? 8.472   0.048   2.344   1.00 75.91  ? 21 J4T B C6    1 
HETATM 416 C C5    . J4T B 2 9  ? 8.315   1.386   2.021   1.00 78.62  ? 21 J4T B C5    1 
HETATM 417 C C4    . J4T B 2 9  ? 8.164   1.756   0.695   1.00 76.58  ? 21 J4T B C4    1 
HETATM 418 N N3    . J4T B 2 9  ? 8.172   0.843   -0.265  1.00 70.81  ? 21 J4T B N3    1 
HETATM 419 C C2    . J4T B 2 9  ? 8.321   -0.449  0.030   1.00 74.55  ? 21 J4T B C2    1 
HETATM 420 O O2    . J4T B 2 9  ? 8.325   -1.285  -0.901  1.00 76.49  ? 21 J4T B O2    1 
HETATM 421 O O4    . J4T B 2 9  ? 8.023   2.955   0.400   1.00 83.66  ? 21 J4T B O4    1 
HETATM 422 C C3    . J4T B 2 9  ? 10.002  -4.104  0.822   1.00 109.15 ? 21 J4T B C3    1 
HETATM 423 C C7    . J4T B 2 9  ? 10.165  -3.809  -0.529  1.00 118.05 ? 21 J4T B C7    1 
HETATM 424 N N8    . J4T B 2 9  ? 10.202  -4.982  -1.200  1.00 118.68 ? 21 J4T B N8    1 
HETATM 425 N N9    . J4T B 2 9  ? 10.048  -6.029  -0.268  1.00 118.31 ? 21 J4T B N9    1 
HETATM 426 N N10   . J4T B 2 9  ? 9.917   -5.441  1.011   1.00 118.91 ? 21 J4T B N10   1 
HETATM 427 O O1    . J4T B 2 9  ? 8.812   -0.477  6.266   1.00 95.07  ? 21 J4T B O1    1 
ATOM   428 P P     . DG  B 2 10 ? 12.365  -4.429  3.593   1.00 90.04  ? 22 DG  B P     1 
ATOM   429 O OP1   . DG  B 2 10 ? 12.911  -5.808  3.625   1.00 95.22  ? 22 DG  B OP1   1 
ATOM   430 O OP2   . DG  B 2 10 ? 12.617  -3.511  4.726   1.00 95.85  ? 22 DG  B OP2   1 
ATOM   431 O "O5'" . DG  B 2 10 ? 12.855  -3.725  2.255   1.00 87.89  ? 22 DG  B "O5'" 1 
ATOM   432 C "C5'" . DG  B 2 10 ? 13.044  -4.502  1.061   1.00 97.18  ? 22 DG  B "C5'" 1 
ATOM   433 C "C4'" . DG  B 2 10 ? 13.454  -3.619  -0.094  1.00 95.06  ? 22 DG  B "C4'" 1 
ATOM   434 O "O4'" . DG  B 2 10 ? 12.582  -2.457  -0.205  1.00 96.85  ? 22 DG  B "O4'" 1 
ATOM   435 C "C3'" . DG  B 2 10 ? 14.880  -3.072  0.019   1.00 93.77  ? 22 DG  B "C3'" 1 
ATOM   436 O "O3'" . DG  B 2 10 ? 15.628  -3.272  -1.177  1.00 91.15  ? 22 DG  B "O3'" 1 
ATOM   437 C "C2'" . DG  B 2 10 ? 14.676  -1.600  0.310   1.00 99.57  ? 22 DG  B "C2'" 1 
ATOM   438 C "C1'" . DG  B 2 10 ? 13.383  -1.317  -0.416  1.00 94.92  ? 22 DG  B "C1'" 1 
ATOM   439 N N9    . DG  B 2 10 ? 12.658  -0.134  0.048   1.00 88.69  ? 22 DG  B N9    1 
ATOM   440 C C8    . DG  B 2 10 ? 12.561  0.328   1.340   1.00 85.95  ? 22 DG  B C8    1 
ATOM   441 N N7    . DG  B 2 10 ? 11.959  1.483   1.426   1.00 77.95  ? 22 DG  B N7    1 
ATOM   442 C C5    . DG  B 2 10 ? 11.687  1.827   0.110   1.00 79.84  ? 22 DG  B C5    1 
ATOM   443 C C6    . DG  B 2 10 ? 11.067  2.983   -0.427  1.00 82.15  ? 22 DG  B C6    1 
ATOM   444 O O6    . DG  B 2 10 ? 10.608  3.960   0.174   1.00 87.94  ? 22 DG  B O6    1 
ATOM   445 N N1    . DG  B 2 10 ? 10.997  2.926   -1.816  1.00 80.53  ? 22 DG  B N1    1 
ATOM   446 C C2    . DG  B 2 10 ? 11.478  1.897   -2.588  1.00 80.33  ? 22 DG  B C2    1 
ATOM   447 N N2    . DG  B 2 10 ? 11.323  2.029   -3.913  1.00 83.47  ? 22 DG  B N2    1 
ATOM   448 N N3    . DG  B 2 10 ? 12.071  0.823   -2.100  1.00 79.56  ? 22 DG  B N3    1 
ATOM   449 C C4    . DG  B 2 10 ? 12.135  0.850   -0.754  1.00 83.46  ? 22 DG  B C4    1 
ATOM   450 P P     . DC  B 2 11 ? 17.222  -3.209  -1.125  1.00 100.26 ? 23 DC  B P     1 
ATOM   451 O OP1   . DC  B 2 11 ? 17.736  -4.602  -1.179  1.00 105.31 ? 23 DC  B OP1   1 
ATOM   452 O OP2   . DC  B 2 11 ? 17.615  -2.321  0.004   1.00 90.73  ? 23 DC  B OP2   1 
ATOM   453 O "O5'" . DC  B 2 11 ? 17.599  -2.459  -2.478  1.00 97.38  ? 23 DC  B "O5'" 1 
ATOM   454 C "C5'" . DC  B 2 11 ? 17.346  -3.055  -3.762  1.00 92.84  ? 23 DC  B "C5'" 1 
ATOM   455 C "C4'" . DC  B 2 11 ? 17.062  -1.973  -4.773  1.00 83.70  ? 23 DC  B "C4'" 1 
ATOM   456 O "O4'" . DC  B 2 11 ? 15.954  -1.196  -4.301  1.00 85.73  ? 23 DC  B "O4'" 1 
ATOM   457 C "C3'" . DC  B 2 11 ? 18.196  -0.977  -4.965  1.00 83.10  ? 23 DC  B "C3'" 1 
ATOM   458 O "O3'" . DC  B 2 11 ? 19.044  -1.368  -6.041  1.00 83.75  ? 23 DC  B "O3'" 1 
ATOM   459 C "C2'" . DC  B 2 11 ? 17.481  0.319   -5.299  1.00 84.59  ? 23 DC  B "C2'" 1 
ATOM   460 C "C1'" . DC  B 2 11 ? 16.070  0.143   -4.756  1.00 86.97  ? 23 DC  B "C1'" 1 
ATOM   461 N N1    . DC  B 2 11 ? 15.694  1.032   -3.647  1.00 87.00  ? 23 DC  B N1    1 
ATOM   462 C C2    . DC  B 2 11 ? 15.008  2.219   -3.938  1.00 89.93  ? 23 DC  B C2    1 
ATOM   463 O O2    . DC  B 2 11 ? 14.791  2.513   -5.123  1.00 100.40 ? 23 DC  B O2    1 
ATOM   464 N N3    . DC  B 2 11 ? 14.615  3.020   -2.921  1.00 81.44  ? 23 DC  B N3    1 
ATOM   465 C C4    . DC  B 2 11 ? 14.868  2.667   -1.658  1.00 72.36  ? 23 DC  B C4    1 
ATOM   466 N N4    . DC  B 2 11 ? 14.464  3.487   -0.690  1.00 71.64  ? 23 DC  B N4    1 
ATOM   467 C C5    . DC  B 2 11 ? 15.547  1.456   -1.334  1.00 72.35  ? 23 DC  B C5    1 
ATOM   468 C C6    . DC  B 2 11 ? 15.929  0.670   -2.349  1.00 78.54  ? 23 DC  B C6    1 
ATOM   469 P P     . DG  B 2 12 ? 20.437  -0.617  -6.265  1.00 90.42  ? 24 DG  B P     1 
ATOM   470 O OP1   . DG  B 2 12 ? 21.040  -1.126  -7.522  1.00 95.47  ? 24 DG  B OP1   1 
ATOM   471 O OP2   . DG  B 2 12 ? 21.211  -0.684  -4.997  1.00 85.70  ? 24 DG  B OP2   1 
ATOM   472 O "O5'" . DG  B 2 12 ? 19.998  0.893   -6.513  1.00 82.04  ? 24 DG  B "O5'" 1 
ATOM   473 C "C5'" . DG  B 2 12 ? 19.452  1.291   -7.772  1.00 74.81  ? 24 DG  B "C5'" 1 
ATOM   474 C "C4'" . DG  B 2 12 ? 18.998  2.727   -7.709  1.00 70.96  ? 24 DG  B "C4'" 1 
ATOM   475 O "O4'" . DG  B 2 12 ? 18.078  2.911   -6.625  1.00 71.45  ? 24 DG  B "O4'" 1 
ATOM   476 C "C3'" . DG  B 2 12 ? 20.102  3.730   -7.445  1.00 73.60  ? 24 DG  B "C3'" 1 
ATOM   477 O "O3'" . DG  B 2 12 ? 20.748  4.096   -8.668  1.00 86.61  ? 24 DG  B "O3'" 1 
ATOM   478 C "C2'" . DG  B 2 12 ? 19.357  4.901   -6.819  1.00 76.16  ? 24 DG  B "C2'" 1 
ATOM   479 C "C1'" . DG  B 2 12 ? 18.050  4.289   -6.288  1.00 69.73  ? 24 DG  B "C1'" 1 
ATOM   480 N N9    . DG  B 2 12 ? 17.903  4.393   -4.844  1.00 66.77  ? 24 DG  B N9    1 
ATOM   481 C C8    . DG  B 2 12 ? 18.386  3.518   -3.903  1.00 72.71  ? 24 DG  B C8    1 
ATOM   482 N N7    . DG  B 2 12 ? 18.129  3.889   -2.678  1.00 70.48  ? 24 DG  B N7    1 
ATOM   483 C C5    . DG  B 2 12 ? 17.462  5.097   -2.819  1.00 67.90  ? 24 DG  B C5    1 
ATOM   484 C C6    . DG  B 2 12 ? 16.939  5.971   -1.841  1.00 71.63  ? 24 DG  B C6    1 
ATOM   485 O O6    . DG  B 2 12 ? 16.960  5.853   -0.613  1.00 83.39  ? 24 DG  B O6    1 
ATOM   486 N N1    . DG  B 2 12 ? 16.344  7.084   -2.416  1.00 73.79  ? 24 DG  B N1    1 
ATOM   487 C C2    . DG  B 2 12 ? 16.246  7.321   -3.760  1.00 72.68  ? 24 DG  B C2    1 
ATOM   488 N N2    . DG  B 2 12 ? 15.623  8.460   -4.113  1.00 79.55  ? 24 DG  B N2    1 
ATOM   489 N N3    . DG  B 2 12 ? 16.736  6.516   -4.689  1.00 69.25  ? 24 DG  B N3    1 
ATOM   490 C C4    . DG  B 2 12 ? 17.324  5.428   -4.149  1.00 67.28  ? 24 DG  B C4    1 
# 
